data_7LIU
#
_entry.id   7LIU
#
_cell.length_a   114.476
_cell.length_b   114.476
_cell.length_c   281.793
_cell.angle_alpha   90.000
_cell.angle_beta   90.000
_cell.angle_gamma   120.000
#
_symmetry.space_group_name_H-M   'P 32 2 1'
#
loop_
_entity.id
_entity.type
_entity.pdbx_description
1 polymer 'ATP-dependent RNA helicase DDX3X'
2 polymer "5'-R(*GP*GP*GP*CP*GP*GP*G)-D(P*CP*CP*CP*GP*CP*CP*C)-3'"
3 non-polymer 'MAGNESIUM ION'
4 non-polymer [[[(2R,3S,4R,5R)-5-(6-aminopurin-9-yl)-3,4-bis(oxidanyl)oxolan-2-yl]methoxy-oxidanyl-phosphoryl]oxy-oxidanyl-phosphoryl]oxy-tris(fluoranyl)beryllium
5 water water
#
loop_
_entity_poly.entity_id
_entity_poly.type
_entity_poly.pdbx_seq_one_letter_code
_entity_poly.pdbx_strand_id
1 'polypeptide(L)'
;GSDWSKPLPPSERLEQELFSGGNTGINFEKYDDIPVEATGNNCPPHIESFSDVEMGEIIMGNIELTRYTRPTPVQKHAIP
IIKEKRDLMACAQTGSGKTAAFLLPILSQIYSDGPGEALRAMKENGRYGRRKQYPISLVLAPTRELAVQIYEEARKFSYR
SRVRPCVVYGGADIGQQIRDLERGCHLLVATPGRLVDMMERGKIGLDFCKYLVLDEADRMLDMGFEPQIRRIVEQDTMPP
KGVRHTMMFSATFPKEIQMLARDFLDEYIFLAVGRVGSTSENITQKVVWVEESDKRSFLLDLLNATGKDSLTLVFVETKK
GADSLEDFLYHEGYACTSIHGDRSQRDREEALHQFRSGKSPILVATAVAARGLDISNVKHVINFDLPSDIEEYVHRIGRT
GRVGNLGLATSFFNERNINITKDLLDLLVEAKQEVPSWLENMAYEHHYKG
;
A,B
2 'polydeoxyribonucleotide/polyribonucleotide hybrid' GGGCGGG(DC)(DC)(DC)(DG)(DC)(DC)(DC) X,Y
#
loop_
_chem_comp.id
_chem_comp.type
_chem_comp.name
_chem_comp.formula
08T non-polymer [[[(2R,3S,4R,5R)-5-(6-aminopurin-9-yl)-3,4-bis(oxidanyl)oxolan-2-yl]methoxy-oxidanyl-phosphoryl]oxy-oxidanyl-phosphoryl]oxy-tris(fluoranyl)beryllium 'C10 H14 Be F3 N5 O10 P2'
C RNA linking CYTIDINE-5'-MONOPHOSPHATE 'C9 H14 N3 O8 P'
DC DNA linking 2'-DEOXYCYTIDINE-5'-MONOPHOSPHATE 'C9 H14 N3 O7 P'
DG DNA linking 2'-DEOXYGUANOSINE-5'-MONOPHOSPHATE 'C10 H14 N5 O7 P'
G RNA linking GUANOSINE-5'-MONOPHOSPHATE 'C10 H14 N5 O8 P'
MG non-polymer 'MAGNESIUM ION' 'Mg 2'
#
# COMPACT_ATOMS: atom_id res chain seq x y z
N ASP A 3 26.62 -40.35 -5.35
CA ASP A 3 27.59 -39.31 -5.71
C ASP A 3 27.45 -38.07 -4.83
N TRP A 4 26.19 -37.72 -4.56
CA TRP A 4 25.82 -36.44 -3.95
C TRP A 4 25.42 -36.53 -2.49
N SER A 5 25.31 -37.72 -1.91
CA SER A 5 24.98 -37.79 -0.49
C SER A 5 26.08 -37.26 0.41
N LYS A 6 27.22 -36.81 -0.14
CA LYS A 6 28.29 -36.25 0.68
C LYS A 6 28.19 -34.73 0.68
N PRO A 7 28.00 -34.11 1.86
CA PRO A 7 27.76 -32.66 1.93
C PRO A 7 28.95 -31.78 1.57
N LEU A 8 28.78 -30.48 1.79
CA LEU A 8 29.70 -29.42 1.40
C LEU A 8 29.96 -28.53 2.61
N PRO A 9 30.89 -27.58 2.51
CA PRO A 9 31.20 -26.68 3.65
C PRO A 9 29.98 -25.88 4.08
N PRO A 10 29.81 -25.69 5.39
CA PRO A 10 28.68 -24.89 5.88
C PRO A 10 29.02 -23.39 5.87
N SER A 11 28.07 -22.60 6.38
CA SER A 11 28.23 -21.15 6.47
C SER A 11 27.24 -20.66 7.52
N GLU A 12 27.74 -20.19 8.66
CA GLU A 12 26.85 -19.77 9.74
C GLU A 12 26.00 -18.57 9.32
N ARG A 13 26.47 -17.80 8.34
CA ARG A 13 25.64 -16.75 7.77
C ARG A 13 24.33 -17.32 7.23
N LEU A 14 24.42 -18.32 6.34
CA LEU A 14 23.23 -18.94 5.78
C LEU A 14 22.42 -19.70 6.83
N GLU A 15 23.09 -20.36 7.78
CA GLU A 15 22.33 -21.08 8.80
C GLU A 15 21.51 -20.12 9.66
N GLN A 16 22.00 -18.91 9.87
CA GLN A 16 21.20 -17.92 10.58
C GLN A 16 20.11 -17.36 9.67
N GLU A 17 20.44 -17.14 8.39
CA GLU A 17 19.50 -16.61 7.40
C GLU A 17 18.36 -17.58 7.08
N LEU A 18 18.52 -18.86 7.37
CA LEU A 18 17.55 -19.88 6.97
C LEU A 18 16.67 -20.31 8.14
N PHE A 19 17.27 -20.82 9.21
CA PHE A 19 16.52 -21.49 10.25
C PHE A 19 16.09 -20.49 11.32
N SER A 20 14.77 -20.29 11.44
CA SER A 20 14.24 -19.37 12.44
C SER A 20 14.34 -19.98 13.83
N GLY A 21 13.77 -21.17 14.02
CA GLY A 21 13.81 -21.85 15.30
C GLY A 21 12.64 -22.77 15.55
N GLY A 22 11.54 -22.57 14.84
CA GLY A 22 10.37 -23.44 14.91
C GLY A 22 9.57 -23.35 16.20
N ASN A 23 8.24 -23.32 16.06
CA ASN A 23 7.32 -23.09 17.17
C ASN A 23 6.32 -24.24 17.23
N THR A 24 6.76 -25.37 17.78
CA THR A 24 5.87 -26.52 17.89
C THR A 24 4.73 -26.22 18.86
N GLY A 25 3.52 -26.64 18.49
CA GLY A 25 2.34 -26.30 19.25
C GLY A 25 2.21 -27.13 20.50
N ILE A 26 1.16 -26.82 21.27
CA ILE A 26 0.95 -27.56 22.51
C ILE A 26 0.34 -28.92 22.22
N ASN A 27 -0.49 -29.03 21.18
CA ASN A 27 -1.16 -30.28 20.83
C ASN A 27 -0.45 -31.03 19.71
N PHE A 28 0.86 -30.85 19.61
CA PHE A 28 1.63 -31.55 18.58
C PHE A 28 1.55 -33.05 18.74
N GLU A 29 1.24 -33.52 19.95
CA GLU A 29 1.12 -34.96 20.18
C GLU A 29 -0.27 -35.48 19.83
N LYS A 30 -1.30 -34.65 19.91
CA LYS A 30 -2.64 -35.12 19.57
C LYS A 30 -2.76 -35.55 18.11
N TYR A 31 -1.76 -35.24 17.29
CA TYR A 31 -1.72 -35.72 15.90
C TYR A 31 -1.77 -37.24 15.82
N ASP A 32 -1.24 -37.92 16.85
CA ASP A 32 -1.24 -39.36 16.88
C ASP A 32 -2.62 -39.95 17.08
N ASP A 33 -3.59 -39.14 17.50
CA ASP A 33 -4.93 -39.63 17.77
C ASP A 33 -5.80 -39.69 16.52
N ILE A 34 -5.22 -39.60 15.35
CA ILE A 34 -5.97 -39.41 14.11
C ILE A 34 -5.89 -40.69 13.28
N PRO A 35 -7.03 -41.20 12.79
CA PRO A 35 -7.05 -42.48 12.06
C PRO A 35 -6.58 -42.31 10.62
N VAL A 36 -5.53 -43.05 10.26
CA VAL A 36 -4.94 -42.97 8.92
C VAL A 36 -5.48 -44.10 8.04
N GLU A 37 -5.80 -43.77 6.80
CA GLU A 37 -6.26 -44.70 5.78
C GLU A 37 -5.28 -44.70 4.61
N ALA A 38 -4.91 -45.90 4.14
CA ALA A 38 -4.04 -46.04 2.96
C ALA A 38 -4.71 -47.02 2.00
N THR A 39 -4.98 -46.57 0.78
CA THR A 39 -5.69 -47.33 -0.24
C THR A 39 -4.76 -47.59 -1.43
N GLY A 40 -4.64 -48.85 -1.83
CA GLY A 40 -3.89 -49.19 -3.03
C GLY A 40 -3.03 -50.45 -3.00
N ASN A 41 -2.38 -50.74 -4.13
CA ASN A 41 -1.62 -51.98 -4.27
C ASN A 41 -0.25 -51.83 -3.64
N ASN A 42 0.09 -52.75 -2.72
CA ASN A 42 1.42 -52.89 -2.14
C ASN A 42 1.93 -51.55 -1.60
N CYS A 43 1.22 -51.06 -0.59
CA CYS A 43 1.59 -49.82 0.07
C CYS A 43 2.66 -50.07 1.13
N PRO A 44 3.81 -49.41 1.08
CA PRO A 44 4.88 -49.69 2.04
C PRO A 44 4.45 -49.29 3.44
N PRO A 45 5.12 -49.77 4.48
CA PRO A 45 4.65 -49.52 5.84
C PRO A 45 4.94 -48.09 6.27
N HIS A 46 4.10 -47.59 7.18
CA HIS A 46 4.31 -46.24 7.69
C HIS A 46 5.38 -46.29 8.78
N ILE A 47 6.32 -45.34 8.72
CA ILE A 47 7.40 -45.29 9.69
C ILE A 47 6.90 -44.60 10.96
N GLU A 48 7.75 -44.58 12.00
CA GLU A 48 7.47 -43.84 13.22
C GLU A 48 8.59 -42.88 13.61
N SER A 49 9.72 -42.90 12.89
CA SER A 49 10.86 -42.04 13.18
C SER A 49 11.58 -41.73 11.87
N PHE A 50 12.28 -40.59 11.85
CA PHE A 50 13.10 -40.26 10.68
C PHE A 50 14.27 -41.20 10.52
N SER A 51 14.62 -41.94 11.57
CA SER A 51 15.69 -42.93 11.57
C SER A 51 15.23 -44.31 11.11
N ASP A 52 14.00 -44.44 10.62
CA ASP A 52 13.49 -45.72 10.12
C ASP A 52 13.76 -45.94 8.64
N VAL A 53 14.31 -44.95 7.93
CA VAL A 53 14.60 -45.07 6.51
C VAL A 53 15.87 -44.28 6.19
N GLU A 54 16.37 -44.48 4.97
CA GLU A 54 17.68 -43.96 4.55
C GLU A 54 17.54 -42.53 4.03
N MET A 55 17.64 -41.57 4.94
CA MET A 55 17.76 -40.16 4.57
C MET A 55 19.24 -39.81 4.61
N GLY A 56 19.72 -39.14 3.56
CA GLY A 56 21.13 -38.81 3.48
C GLY A 56 21.64 -38.09 4.72
N GLU A 57 22.96 -38.04 4.90
CA GLU A 57 23.52 -37.22 5.98
C GLU A 57 22.97 -35.81 5.91
N ILE A 58 22.87 -35.27 4.69
CA ILE A 58 22.37 -33.91 4.47
C ILE A 58 20.97 -33.75 5.06
N ILE A 59 20.07 -34.68 4.72
CA ILE A 59 18.66 -34.55 5.10
C ILE A 59 18.50 -34.57 6.62
N MET A 60 19.12 -35.55 7.28
CA MET A 60 19.01 -35.62 8.73
C MET A 60 19.63 -34.40 9.40
N GLY A 61 20.75 -33.90 8.87
CA GLY A 61 21.35 -32.72 9.44
C GLY A 61 20.42 -31.51 9.37
N ASN A 62 19.86 -31.27 8.18
CA ASN A 62 18.96 -30.14 8.04
C ASN A 62 17.67 -30.33 8.84
N ILE A 63 17.23 -31.57 9.03
CA ILE A 63 16.05 -31.82 9.88
C ILE A 63 16.34 -31.43 11.32
N GLU A 64 17.48 -31.87 11.84
CA GLU A 64 17.87 -31.49 13.19
C GLU A 64 18.22 -30.01 13.29
N LEU A 65 18.37 -29.31 12.17
CA LEU A 65 18.45 -27.85 12.23
C LEU A 65 17.08 -27.18 12.44
N THR A 66 16.04 -27.64 11.73
CA THR A 66 14.73 -27.01 11.86
C THR A 66 13.97 -27.42 13.12
N ARG A 67 14.59 -28.20 14.00
CA ARG A 67 13.95 -28.64 15.25
C ARG A 67 12.69 -29.45 14.99
N TYR A 68 12.80 -30.45 14.12
CA TYR A 68 11.72 -31.42 13.95
C TYR A 68 12.07 -32.62 14.81
N THR A 69 11.28 -32.86 15.85
CA THR A 69 11.58 -33.95 16.78
C THR A 69 11.23 -35.27 16.13
N ARG A 70 9.94 -35.49 15.94
CA ARG A 70 9.40 -36.72 15.38
C ARG A 70 8.40 -36.33 14.30
N PRO A 71 8.20 -37.18 13.31
CA PRO A 71 7.40 -36.79 12.14
C PRO A 71 5.91 -36.73 12.47
N THR A 72 5.22 -35.99 11.61
CA THR A 72 3.77 -35.87 11.66
C THR A 72 3.13 -37.04 10.92
N PRO A 73 1.82 -37.32 11.17
CA PRO A 73 1.17 -38.48 10.53
C PRO A 73 1.39 -38.59 9.02
N VAL A 74 1.02 -37.53 8.29
CA VAL A 74 1.16 -37.54 6.85
C VAL A 74 2.62 -37.77 6.44
N GLN A 75 3.57 -37.21 7.20
CA GLN A 75 4.98 -37.47 6.92
C GLN A 75 5.33 -38.94 7.12
N LYS A 76 4.97 -39.48 8.30
CA LYS A 76 5.23 -40.89 8.61
C LYS A 76 4.74 -41.80 7.49
N HIS A 77 3.58 -41.50 6.92
CA HIS A 77 3.03 -42.39 5.90
C HIS A 77 3.55 -42.10 4.50
N ALA A 78 3.87 -40.86 4.16
CA ALA A 78 4.15 -40.51 2.78
C ALA A 78 5.63 -40.46 2.45
N ILE A 79 6.52 -40.14 3.39
CA ILE A 79 7.95 -40.19 3.10
C ILE A 79 8.36 -41.53 2.50
N PRO A 80 7.92 -42.69 3.03
CA PRO A 80 8.26 -43.96 2.36
C PRO A 80 7.66 -44.07 0.97
N ILE A 81 6.37 -43.80 0.80
CA ILE A 81 5.72 -43.95 -0.50
C ILE A 81 6.49 -43.23 -1.59
N ILE A 82 6.95 -42.02 -1.30
CA ILE A 82 7.73 -41.30 -2.29
C ILE A 82 9.15 -41.84 -2.35
N LYS A 83 9.65 -42.40 -1.26
CA LYS A 83 10.95 -43.08 -1.34
C LYS A 83 10.86 -44.36 -2.17
N GLU A 84 9.68 -44.99 -2.21
CA GLU A 84 9.40 -46.18 -3.02
C GLU A 84 9.07 -45.85 -4.46
N LYS A 85 9.16 -44.58 -4.85
CA LYS A 85 8.98 -44.13 -6.24
C LYS A 85 7.59 -44.52 -6.77
N ARG A 86 6.56 -44.23 -5.97
CA ARG A 86 5.18 -44.54 -6.31
C ARG A 86 4.36 -43.27 -6.41
N ASP A 87 3.43 -43.22 -7.36
CA ASP A 87 2.53 -42.07 -7.41
C ASP A 87 1.63 -42.04 -6.18
N LEU A 88 1.25 -40.82 -5.77
CA LEU A 88 0.62 -40.61 -4.48
C LEU A 88 -0.43 -39.49 -4.54
N MET A 89 -1.56 -39.72 -3.89
CA MET A 89 -2.57 -38.69 -3.65
C MET A 89 -2.81 -38.64 -2.15
N ALA A 90 -2.37 -37.57 -1.48
CA ALA A 90 -2.42 -37.46 -0.04
C ALA A 90 -3.31 -36.30 0.41
N CYS A 91 -4.18 -36.55 1.40
CA CYS A 91 -4.95 -35.51 2.08
C CYS A 91 -4.71 -35.55 3.59
N ALA A 92 -4.44 -34.40 4.17
CA ALA A 92 -4.18 -34.28 5.58
C ALA A 92 -4.61 -32.87 5.97
N GLN A 93 -4.92 -32.69 7.25
CA GLN A 93 -5.52 -31.43 7.68
C GLN A 93 -4.54 -30.27 7.49
N THR A 94 -5.11 -29.06 7.41
CA THR A 94 -4.29 -27.87 7.19
C THR A 94 -3.27 -27.73 8.31
N GLY A 95 -2.07 -27.32 7.94
CA GLY A 95 -1.03 -27.12 8.93
C GLY A 95 -0.56 -28.40 9.60
N SER A 96 -0.48 -29.49 8.85
CA SER A 96 -0.02 -30.76 9.39
C SER A 96 1.30 -31.23 8.79
N GLY A 97 1.96 -30.40 8.01
CA GLY A 97 3.30 -30.69 7.54
C GLY A 97 3.45 -31.33 6.18
N LYS A 98 2.52 -31.06 5.25
CA LYS A 98 2.56 -31.70 3.93
C LYS A 98 3.78 -31.26 3.12
N THR A 99 4.18 -30.00 3.24
CA THR A 99 5.30 -29.51 2.44
C THR A 99 6.54 -30.37 2.64
N ALA A 100 6.98 -30.54 3.88
CA ALA A 100 8.14 -31.39 4.13
C ALA A 100 7.84 -32.83 3.75
N ALA A 101 6.58 -33.25 3.91
CA ALA A 101 6.19 -34.61 3.56
C ALA A 101 6.53 -34.93 2.11
N PHE A 102 6.45 -33.94 1.22
CA PHE A 102 6.91 -34.24 -0.12
C PHE A 102 8.31 -33.70 -0.44
N LEU A 103 8.85 -32.77 0.33
CA LEU A 103 10.16 -32.25 -0.03
C LEU A 103 11.32 -33.08 0.52
N LEU A 104 11.14 -33.76 1.65
CA LEU A 104 12.25 -34.54 2.20
C LEU A 104 12.59 -35.74 1.33
N PRO A 105 11.64 -36.64 1.00
CA PRO A 105 12.01 -37.80 0.20
C PRO A 105 12.58 -37.45 -1.16
N ILE A 106 11.99 -36.47 -1.85
CA ILE A 106 12.49 -36.10 -3.18
C ILE A 106 13.95 -35.69 -3.10
N LEU A 107 14.29 -34.87 -2.11
CA LEU A 107 15.69 -34.44 -2.01
C LEU A 107 16.61 -35.60 -1.65
N SER A 108 16.17 -36.50 -0.76
CA SER A 108 17.02 -37.64 -0.42
C SER A 108 17.28 -38.50 -1.66
N GLN A 109 16.24 -38.70 -2.47
CA GLN A 109 16.36 -39.54 -3.66
C GLN A 109 17.25 -38.87 -4.72
N ILE A 110 17.19 -37.55 -4.86
CA ILE A 110 18.08 -36.90 -5.82
C ILE A 110 19.52 -36.90 -5.30
N TYR A 111 19.71 -36.92 -3.98
CA TYR A 111 21.08 -37.04 -3.46
C TYR A 111 21.67 -38.40 -3.77
N SER A 112 20.91 -39.47 -3.52
CA SER A 112 21.42 -40.80 -3.85
C SER A 112 21.60 -40.97 -5.35
N ASP A 113 20.50 -40.88 -6.12
CA ASP A 113 20.54 -41.19 -7.54
C ASP A 113 21.38 -40.20 -8.34
N GLY A 114 21.67 -39.02 -7.81
CA GLY A 114 22.44 -38.04 -8.53
C GLY A 114 21.70 -37.52 -9.75
N PRO A 115 22.39 -36.70 -10.56
CA PRO A 115 21.71 -36.06 -11.70
C PRO A 115 21.35 -36.99 -12.84
N GLY A 116 21.79 -38.26 -12.80
CA GLY A 116 21.48 -39.21 -13.85
C GLY A 116 22.36 -39.03 -15.09
N GLU A 117 22.36 -40.08 -15.92
CA GLU A 117 23.11 -40.04 -17.19
C GLU A 117 22.73 -38.83 -18.01
N ALA A 118 21.43 -38.50 -18.05
CA ALA A 118 20.95 -37.40 -18.87
C ALA A 118 21.69 -36.10 -18.57
N LEU A 119 21.54 -35.59 -17.33
CA LEU A 119 22.14 -34.31 -16.97
C LEU A 119 23.66 -34.39 -16.80
N ARG A 120 24.20 -35.58 -16.46
CA ARG A 120 25.65 -35.72 -16.48
C ARG A 120 26.21 -35.63 -17.88
N ALA A 121 25.40 -35.91 -18.92
CA ALA A 121 25.80 -35.77 -20.31
C ALA A 121 25.81 -34.33 -20.82
N MET A 122 25.61 -33.34 -19.95
CA MET A 122 25.64 -31.94 -20.39
C MET A 122 26.49 -31.06 -19.49
N LYS A 123 27.53 -31.65 -18.88
CA LYS A 123 28.55 -30.87 -18.20
C LYS A 123 29.78 -30.65 -19.09
N GLU A 124 29.66 -30.89 -20.39
CA GLU A 124 30.78 -30.73 -21.33
C GLU A 124 30.68 -29.43 -22.13
N ASN A 125 29.48 -29.02 -22.52
CA ASN A 125 29.26 -27.89 -23.42
C ASN A 125 28.04 -27.12 -22.92
N GLY A 126 27.51 -26.24 -23.78
CA GLY A 126 26.34 -25.44 -23.46
C GLY A 126 26.49 -24.08 -24.12
N ARG A 127 25.47 -23.61 -24.82
CA ARG A 127 25.57 -22.30 -25.46
C ARG A 127 25.57 -21.21 -24.39
N TYR A 128 26.29 -20.11 -24.68
CA TYR A 128 26.37 -18.99 -23.74
C TYR A 128 25.03 -18.27 -23.64
N GLY A 129 24.47 -18.24 -22.44
CA GLY A 129 23.16 -17.65 -22.17
C GLY A 129 22.01 -18.61 -22.42
N ARG A 130 22.00 -19.28 -23.58
CA ARG A 130 20.99 -20.28 -23.88
C ARG A 130 21.39 -21.61 -23.24
N ARG A 131 21.72 -21.53 -21.95
CA ARG A 131 21.90 -22.69 -21.07
C ARG A 131 20.56 -23.01 -20.42
N LYS A 132 19.61 -23.37 -21.28
CA LYS A 132 18.33 -23.91 -20.85
C LYS A 132 18.53 -24.94 -19.74
N GLN A 133 17.73 -24.82 -18.69
CA GLN A 133 17.86 -25.68 -17.53
C GLN A 133 16.85 -26.83 -17.60
N TYR A 134 17.30 -28.00 -17.17
CA TYR A 134 16.48 -29.22 -17.18
C TYR A 134 16.31 -29.63 -15.73
N PRO A 135 15.22 -29.22 -15.09
CA PRO A 135 15.01 -29.57 -13.69
C PRO A 135 14.66 -31.05 -13.54
N ILE A 136 15.13 -31.65 -12.46
CA ILE A 136 14.74 -33.02 -12.15
C ILE A 136 13.34 -33.06 -11.57
N SER A 137 13.01 -32.10 -10.69
CA SER A 137 11.74 -32.07 -10.00
C SER A 137 11.03 -30.74 -10.22
N LEU A 138 9.70 -30.80 -10.26
CA LEU A 138 8.85 -29.63 -10.42
C LEU A 138 7.75 -29.62 -9.37
N VAL A 139 7.61 -28.51 -8.63
CA VAL A 139 6.51 -28.30 -7.71
C VAL A 139 5.68 -27.13 -8.22
N LEU A 140 4.38 -27.35 -8.39
CA LEU A 140 3.45 -26.33 -8.86
C LEU A 140 2.48 -25.93 -7.75
N ALA A 141 2.28 -24.63 -7.57
CA ALA A 141 1.42 -24.06 -6.55
C ALA A 141 0.51 -23.01 -7.16
N PRO A 142 -0.65 -22.75 -6.54
CA PRO A 142 -1.66 -21.88 -7.17
C PRO A 142 -1.46 -20.39 -6.99
N THR A 143 -0.61 -19.92 -6.07
CA THR A 143 -0.35 -18.49 -5.99
C THR A 143 1.15 -18.24 -5.89
N ARG A 144 1.50 -16.97 -6.09
CA ARG A 144 2.90 -16.61 -6.17
C ARG A 144 3.57 -16.73 -4.79
N GLU A 145 2.94 -16.19 -3.75
CA GLU A 145 3.55 -16.21 -2.43
C GLU A 145 3.67 -17.64 -1.89
N LEU A 146 2.74 -18.52 -2.26
CA LEU A 146 2.89 -19.92 -1.85
C LEU A 146 4.06 -20.58 -2.56
N ALA A 147 4.23 -20.26 -3.85
CA ALA A 147 5.40 -20.73 -4.57
C ALA A 147 6.68 -20.31 -3.88
N VAL A 148 6.78 -19.05 -3.49
CA VAL A 148 7.99 -18.59 -2.82
C VAL A 148 8.16 -19.26 -1.45
N GLN A 149 7.06 -19.45 -0.72
CA GLN A 149 7.18 -20.12 0.56
C GLN A 149 7.75 -21.52 0.40
N ILE A 150 7.28 -22.25 -0.61
CA ILE A 150 7.79 -23.59 -0.85
C ILE A 150 9.24 -23.54 -1.31
N TYR A 151 9.58 -22.58 -2.19
CA TYR A 151 10.97 -22.43 -2.62
C TYR A 151 11.89 -22.21 -1.42
N GLU A 152 11.43 -21.43 -0.44
CA GLU A 152 12.25 -21.19 0.75
C GLU A 152 12.39 -22.44 1.59
N GLU A 153 11.32 -23.21 1.74
CA GLU A 153 11.45 -24.48 2.46
C GLU A 153 12.45 -25.38 1.74
N ALA A 154 12.45 -25.33 0.42
CA ALA A 154 13.42 -26.09 -0.37
C ALA A 154 14.84 -25.65 -0.07
N ARG A 155 15.08 -24.35 -0.10
CA ARG A 155 16.41 -23.83 0.27
C ARG A 155 16.83 -24.32 1.65
N LYS A 156 15.90 -24.36 2.61
CA LYS A 156 16.25 -24.87 3.94
C LYS A 156 16.66 -26.33 3.87
N PHE A 157 15.95 -27.15 3.11
CA PHE A 157 16.25 -28.57 3.13
C PHE A 157 17.38 -28.98 2.19
N SER A 158 17.73 -28.18 1.19
CA SER A 158 18.85 -28.49 0.32
C SER A 158 20.11 -27.78 0.77
N TYR A 159 20.27 -27.62 2.08
CA TYR A 159 21.43 -26.93 2.59
C TYR A 159 22.63 -27.86 2.67
N ARG A 160 23.78 -27.36 2.22
CA ARG A 160 25.02 -28.15 2.14
C ARG A 160 24.89 -29.29 1.14
N SER A 161 24.12 -29.10 0.06
CA SER A 161 23.99 -30.10 -0.97
C SER A 161 24.32 -29.45 -2.31
N ARG A 162 24.57 -30.31 -3.29
CA ARG A 162 24.81 -29.85 -4.65
C ARG A 162 23.51 -29.54 -5.40
N VAL A 163 22.35 -29.79 -4.81
CA VAL A 163 21.06 -29.49 -5.42
C VAL A 163 20.68 -28.05 -5.14
N ARG A 164 20.37 -27.29 -6.18
CA ARG A 164 20.03 -25.87 -6.05
C ARG A 164 18.66 -25.57 -6.62
N PRO A 165 17.67 -25.20 -5.79
CA PRO A 165 16.33 -24.95 -6.29
C PRO A 165 16.16 -23.49 -6.72
N CYS A 166 15.15 -23.29 -7.57
CA CYS A 166 14.76 -21.97 -8.04
C CYS A 166 13.25 -21.87 -8.04
N VAL A 167 12.75 -20.67 -8.29
CA VAL A 167 11.32 -20.43 -8.36
C VAL A 167 11.05 -19.40 -9.43
N VAL A 168 9.96 -19.57 -10.16
CA VAL A 168 9.52 -18.61 -11.16
C VAL A 168 8.02 -18.42 -11.00
N TYR A 169 7.57 -17.18 -11.13
CA TYR A 169 6.20 -16.75 -10.84
C TYR A 169 6.00 -15.35 -11.40
N GLY A 170 4.76 -15.05 -11.76
CA GLY A 170 4.44 -13.79 -12.40
C GLY A 170 4.66 -12.58 -11.51
N GLY A 171 4.39 -11.40 -12.07
CA GLY A 171 4.61 -10.17 -11.31
C GLY A 171 6.05 -9.74 -11.16
N ALA A 172 6.94 -10.67 -10.83
CA ALA A 172 8.34 -10.37 -10.64
C ALA A 172 9.05 -10.16 -11.98
N ASP A 173 10.25 -9.61 -11.91
CA ASP A 173 11.00 -9.33 -13.13
C ASP A 173 11.46 -10.61 -13.79
N ILE A 174 11.19 -10.69 -15.09
CA ILE A 174 11.48 -11.92 -15.82
C ILE A 174 12.99 -12.15 -15.95
N GLY A 175 13.74 -11.07 -16.19
CA GLY A 175 15.17 -11.20 -16.38
C GLY A 175 15.89 -11.66 -15.12
N GLN A 176 15.46 -11.18 -13.94
CA GLN A 176 16.13 -11.61 -12.71
C GLN A 176 15.95 -13.10 -12.50
N GLN A 177 14.76 -13.61 -12.82
CA GLN A 177 14.51 -15.04 -12.72
C GLN A 177 15.32 -15.83 -13.74
N ILE A 178 15.44 -15.32 -14.98
CA ILE A 178 16.28 -15.98 -15.97
C ILE A 178 17.72 -16.09 -15.48
N ARG A 179 18.26 -14.98 -14.98
CA ARG A 179 19.63 -14.97 -14.47
C ARG A 179 19.79 -15.96 -13.33
N ASP A 180 18.79 -16.06 -12.46
CA ASP A 180 18.94 -17.01 -11.36
C ASP A 180 18.84 -18.46 -11.84
N LEU A 181 18.11 -18.70 -12.94
CA LEU A 181 18.04 -20.03 -13.52
C LEU A 181 19.39 -20.44 -14.09
N GLU A 182 19.98 -19.55 -14.89
CA GLU A 182 21.25 -19.86 -15.55
C GLU A 182 22.35 -20.27 -14.56
N ARG A 183 22.25 -19.86 -13.29
CA ARG A 183 23.16 -20.39 -12.27
C ARG A 183 22.85 -21.84 -11.91
N GLY A 184 21.80 -22.42 -12.46
CA GLY A 184 21.57 -23.83 -12.24
C GLY A 184 20.29 -24.17 -11.52
N CYS A 185 19.42 -24.91 -12.19
CA CYS A 185 18.13 -25.27 -11.61
C CYS A 185 18.00 -26.78 -11.60
N HIS A 186 17.78 -27.35 -10.41
CA HIS A 186 17.51 -28.76 -10.27
C HIS A 186 16.09 -29.02 -9.83
N LEU A 187 15.62 -28.30 -8.82
CA LEU A 187 14.24 -28.31 -8.37
C LEU A 187 13.63 -26.97 -8.72
N LEU A 188 12.47 -26.99 -9.38
CA LEU A 188 11.78 -25.79 -9.84
C LEU A 188 10.40 -25.71 -9.21
N VAL A 189 10.16 -24.63 -8.47
CA VAL A 189 8.82 -24.32 -7.99
C VAL A 189 8.24 -23.22 -8.85
N ALA A 190 6.96 -23.32 -9.15
CA ALA A 190 6.43 -22.33 -10.09
C ALA A 190 4.93 -22.24 -10.00
N THR A 191 4.45 -21.18 -10.42
CA THR A 191 3.06 -21.03 -10.78
C THR A 191 2.92 -21.26 -12.28
N PRO A 192 1.76 -21.70 -12.77
CA PRO A 192 1.68 -22.15 -14.17
C PRO A 192 2.07 -21.11 -15.21
N GLY A 193 1.45 -19.94 -15.20
CA GLY A 193 1.61 -19.01 -16.32
C GLY A 193 3.07 -18.64 -16.57
N ARG A 194 3.80 -18.30 -15.50
CA ARG A 194 5.19 -17.94 -15.67
C ARG A 194 6.05 -19.13 -16.11
N LEU A 195 5.70 -20.35 -15.71
CA LEU A 195 6.44 -21.53 -16.20
C LEU A 195 6.23 -21.73 -17.69
N VAL A 196 4.98 -21.60 -18.16
CA VAL A 196 4.74 -21.68 -19.59
C VAL A 196 5.48 -20.57 -20.32
N ASP A 197 5.53 -19.37 -19.75
CA ASP A 197 6.28 -18.29 -20.38
C ASP A 197 7.76 -18.62 -20.48
N MET A 198 8.33 -19.23 -19.44
CA MET A 198 9.74 -19.60 -19.46
C MET A 198 10.01 -20.69 -20.50
N MET A 199 9.08 -21.63 -20.62
CA MET A 199 9.27 -22.74 -21.55
C MET A 199 9.20 -22.23 -22.98
N GLU A 200 8.16 -21.46 -23.29
CA GLU A 200 8.02 -20.89 -24.62
C GLU A 200 9.14 -19.90 -24.96
N ARG A 201 9.99 -19.55 -23.98
CA ARG A 201 11.22 -18.83 -24.20
C ARG A 201 12.44 -19.75 -24.28
N GLY A 202 12.24 -21.06 -24.17
CA GLY A 202 13.37 -21.95 -24.34
C GLY A 202 14.36 -21.89 -23.20
N LYS A 203 13.93 -21.40 -22.06
CA LYS A 203 14.83 -21.31 -20.92
C LYS A 203 14.67 -22.47 -19.96
N ILE A 204 13.53 -23.18 -20.00
CA ILE A 204 13.26 -24.32 -19.14
C ILE A 204 12.75 -25.47 -20.00
N GLY A 205 13.21 -26.67 -19.70
CA GLY A 205 12.71 -27.87 -20.33
C GLY A 205 12.39 -28.98 -19.35
N LEU A 206 11.24 -29.61 -19.51
CA LEU A 206 10.80 -30.64 -18.58
C LEU A 206 11.26 -32.04 -18.97
N ASP A 207 12.22 -32.16 -19.90
CA ASP A 207 12.54 -33.44 -20.50
C ASP A 207 13.07 -34.43 -19.49
N PHE A 208 13.70 -33.96 -18.42
CA PHE A 208 14.23 -34.87 -17.41
C PHE A 208 13.45 -34.77 -16.12
N CYS A 209 12.32 -34.09 -16.15
CA CYS A 209 11.52 -33.92 -14.95
C CYS A 209 10.89 -35.27 -14.57
N LYS A 210 11.41 -35.88 -13.50
CA LYS A 210 10.94 -37.18 -13.06
C LYS A 210 10.11 -37.14 -11.78
N TYR A 211 10.05 -36.00 -11.10
CA TYR A 211 9.29 -35.84 -9.86
C TYR A 211 8.37 -34.63 -10.01
N LEU A 212 7.08 -34.89 -10.18
CA LEU A 212 6.07 -33.83 -10.26
C LEU A 212 5.28 -33.74 -8.96
N VAL A 213 5.09 -32.53 -8.47
CA VAL A 213 4.24 -32.29 -7.30
C VAL A 213 3.19 -31.26 -7.66
N LEU A 214 1.94 -31.56 -7.33
CA LEU A 214 0.85 -30.61 -7.40
C LEU A 214 0.43 -30.29 -5.96
N ASP A 215 0.91 -29.16 -5.45
CA ASP A 215 0.47 -28.73 -4.13
C ASP A 215 -0.88 -28.03 -4.26
N GLU A 216 -1.71 -28.19 -3.26
CA GLU A 216 -3.08 -27.71 -3.32
C GLU A 216 -3.76 -28.27 -4.57
N ALA A 217 -3.72 -29.60 -4.67
CA ALA A 217 -3.98 -30.28 -5.93
C ALA A 217 -5.40 -30.02 -6.42
N ASP A 218 -6.39 -30.10 -5.52
CA ASP A 218 -7.76 -29.86 -5.97
C ASP A 218 -7.94 -28.46 -6.54
N ARG A 219 -7.12 -27.49 -6.10
CA ARG A 219 -7.20 -26.15 -6.68
C ARG A 219 -6.52 -26.11 -8.03
N MET A 220 -5.36 -26.77 -8.15
CA MET A 220 -4.65 -26.81 -9.42
C MET A 220 -5.44 -27.52 -10.50
N LEU A 221 -6.47 -28.30 -10.14
CA LEU A 221 -7.27 -29.07 -11.09
C LEU A 221 -8.68 -28.52 -11.25
N ASP A 222 -8.90 -27.25 -10.92
CA ASP A 222 -10.22 -26.70 -11.18
C ASP A 222 -10.34 -26.23 -12.62
N MET A 223 -11.50 -25.69 -12.95
CA MET A 223 -11.81 -25.33 -14.32
C MET A 223 -10.84 -24.30 -14.88
N GLY A 224 -10.17 -23.56 -14.02
CA GLY A 224 -9.34 -22.47 -14.47
C GLY A 224 -7.90 -22.89 -14.59
N PHE A 225 -7.53 -23.90 -13.82
CA PHE A 225 -6.15 -24.35 -13.82
C PHE A 225 -5.94 -25.64 -14.60
N GLU A 226 -6.95 -26.50 -14.71
CA GLU A 226 -6.80 -27.74 -15.48
C GLU A 226 -6.17 -27.52 -16.85
N PRO A 227 -6.61 -26.56 -17.67
CA PRO A 227 -5.92 -26.35 -18.96
C PRO A 227 -4.44 -26.07 -18.82
N GLN A 228 -4.04 -25.32 -17.80
CA GLN A 228 -2.65 -24.95 -17.65
C GLN A 228 -1.83 -26.14 -17.16
N ILE A 229 -2.40 -26.92 -16.25
CA ILE A 229 -1.74 -28.13 -15.81
C ILE A 229 -1.53 -29.08 -16.98
N ARG A 230 -2.51 -29.16 -17.89
CA ARG A 230 -2.35 -30.04 -19.04
C ARG A 230 -1.29 -29.50 -19.99
N ARG A 231 -1.37 -28.19 -20.29
CA ARG A 231 -0.35 -27.54 -21.12
C ARG A 231 1.05 -27.77 -20.58
N ILE A 232 1.20 -27.91 -19.27
CA ILE A 232 2.54 -28.15 -18.74
C ILE A 232 2.87 -29.65 -18.77
N VAL A 233 1.90 -30.50 -18.46
CA VAL A 233 2.16 -31.92 -18.24
C VAL A 233 1.92 -32.76 -19.48
N GLU A 234 0.75 -32.63 -20.09
CA GLU A 234 0.41 -33.48 -21.23
C GLU A 234 0.98 -32.93 -22.53
N GLN A 235 0.75 -31.65 -22.81
CA GLN A 235 0.99 -31.00 -24.08
C GLN A 235 2.42 -30.56 -24.28
N ASP A 236 3.38 -31.09 -23.51
CA ASP A 236 4.75 -30.64 -23.67
C ASP A 236 5.67 -31.85 -23.46
N THR A 237 6.92 -31.57 -23.13
CA THR A 237 7.93 -32.62 -23.09
C THR A 237 8.06 -33.23 -21.72
N MET A 238 7.03 -33.25 -20.98
CA MET A 238 7.24 -33.92 -19.72
C MET A 238 7.03 -35.41 -19.89
N PRO A 239 7.88 -36.23 -19.29
CA PRO A 239 7.64 -37.68 -19.26
C PRO A 239 6.23 -38.00 -18.79
N PRO A 240 5.56 -38.96 -19.42
CA PRO A 240 4.19 -39.30 -19.04
C PRO A 240 4.17 -40.20 -17.80
N LYS A 241 2.95 -40.48 -17.35
CA LYS A 241 2.77 -41.24 -16.12
C LYS A 241 3.38 -42.64 -16.25
N GLY A 242 3.81 -43.20 -15.12
CA GLY A 242 4.60 -44.39 -15.14
C GLY A 242 6.07 -44.10 -15.32
N VAL A 243 6.40 -43.06 -16.07
CA VAL A 243 7.78 -42.65 -16.25
C VAL A 243 8.12 -41.64 -15.17
N ARG A 244 7.39 -40.51 -15.18
CA ARG A 244 7.52 -39.54 -14.10
C ARG A 244 6.81 -40.07 -12.87
N HIS A 245 7.06 -39.41 -11.74
CA HIS A 245 6.43 -39.74 -10.49
C HIS A 245 5.60 -38.56 -10.04
N THR A 246 4.29 -38.75 -9.93
CA THR A 246 3.34 -37.69 -9.68
C THR A 246 2.81 -37.74 -8.24
N MET A 247 2.98 -36.65 -7.49
CA MET A 247 2.40 -36.53 -6.16
C MET A 247 1.41 -35.37 -6.12
N MET A 248 0.32 -35.56 -5.37
CA MET A 248 -0.70 -34.54 -5.21
C MET A 248 -1.05 -34.38 -3.74
N PHE A 249 -0.79 -33.21 -3.17
CA PHE A 249 -1.13 -32.94 -1.78
C PHE A 249 -2.21 -31.87 -1.70
N SER A 250 -3.16 -32.06 -0.80
CA SER A 250 -4.15 -31.04 -0.48
C SER A 250 -4.67 -31.31 0.91
N ALA A 251 -5.40 -30.35 1.45
CA ALA A 251 -6.23 -30.60 2.60
C ALA A 251 -7.67 -30.85 2.18
N THR A 252 -7.95 -30.88 0.89
CA THR A 252 -9.29 -31.14 0.42
C THR A 252 -9.26 -31.84 -0.93
N PHE A 253 -10.19 -32.78 -1.13
CA PHE A 253 -10.36 -33.45 -2.41
C PHE A 253 -11.80 -33.88 -2.61
N PRO A 254 -12.60 -33.03 -3.23
CA PRO A 254 -13.92 -33.49 -3.71
C PRO A 254 -13.82 -34.78 -4.51
N LYS A 255 -14.89 -35.57 -4.59
CA LYS A 255 -14.83 -36.85 -5.31
C LYS A 255 -14.53 -36.63 -6.79
N GLU A 256 -15.28 -35.73 -7.43
CA GLU A 256 -15.08 -35.49 -8.86
C GLU A 256 -13.64 -35.11 -9.17
N ILE A 257 -13.06 -34.23 -8.37
CA ILE A 257 -11.68 -33.84 -8.60
C ILE A 257 -10.74 -35.00 -8.32
N GLN A 258 -11.08 -35.84 -7.35
CA GLN A 258 -10.26 -37.00 -7.05
C GLN A 258 -10.24 -38.00 -8.21
N MET A 259 -11.32 -38.05 -9.00
CA MET A 259 -11.33 -38.93 -10.18
C MET A 259 -10.67 -38.27 -11.37
N LEU A 260 -10.88 -36.97 -11.56
CA LEU A 260 -10.16 -36.23 -12.60
C LEU A 260 -8.65 -36.31 -12.40
N ALA A 261 -8.19 -36.38 -11.16
CA ALA A 261 -6.76 -36.47 -10.89
C ALA A 261 -6.15 -37.78 -11.34
N ARG A 262 -6.95 -38.77 -11.71
CA ARG A 262 -6.40 -40.05 -12.12
C ARG A 262 -5.70 -39.95 -13.47
N ASP A 263 -6.11 -39.00 -14.32
CA ASP A 263 -5.50 -38.82 -15.64
C ASP A 263 -4.02 -38.51 -15.55
N PHE A 264 -3.49 -38.29 -14.34
CA PHE A 264 -2.11 -37.90 -14.13
C PHE A 264 -1.38 -38.87 -13.21
N LEU A 265 -2.03 -39.97 -12.81
CA LEU A 265 -1.48 -40.90 -11.83
C LEU A 265 -1.52 -42.32 -12.37
N ASP A 266 -0.62 -43.16 -11.86
CA ASP A 266 -0.46 -44.53 -12.33
C ASP A 266 -0.21 -45.42 -11.13
N GLU A 267 -1.16 -46.31 -10.85
CA GLU A 267 -1.04 -47.28 -9.75
C GLU A 267 -0.59 -46.55 -8.49
N TYR A 268 -1.52 -45.74 -7.97
CA TYR A 268 -1.18 -44.79 -6.92
C TYR A 268 -1.73 -45.24 -5.58
N ILE A 269 -1.05 -44.81 -4.54
CA ILE A 269 -1.54 -44.92 -3.17
C ILE A 269 -2.50 -43.76 -2.92
N PHE A 270 -3.44 -43.95 -2.01
CA PHE A 270 -4.33 -42.88 -1.59
C PHE A 270 -4.20 -42.72 -0.08
N LEU A 271 -3.51 -41.66 0.36
CA LEU A 271 -3.40 -41.33 1.78
C LEU A 271 -4.55 -40.46 2.22
N ALA A 272 -5.09 -40.75 3.40
CA ALA A 272 -6.13 -39.92 4.02
C ALA A 272 -5.85 -39.87 5.52
N VAL A 273 -5.15 -38.82 5.96
CA VAL A 273 -4.77 -38.74 7.37
C VAL A 273 -5.99 -38.48 8.25
N GLY A 274 -7.04 -37.87 7.73
CA GLY A 274 -8.29 -37.83 8.47
C GLY A 274 -9.41 -37.96 7.48
N ARG A 275 -10.65 -37.64 7.86
CA ARG A 275 -11.69 -37.48 6.86
C ARG A 275 -11.20 -36.45 5.85
N VAL A 276 -11.35 -36.74 4.56
CA VAL A 276 -10.88 -35.78 3.58
C VAL A 276 -11.77 -34.54 3.67
N GLY A 277 -11.14 -33.39 3.95
CA GLY A 277 -11.84 -32.13 4.12
C GLY A 277 -12.12 -31.73 5.55
N SER A 278 -11.39 -32.29 6.51
CA SER A 278 -11.64 -32.07 7.93
C SER A 278 -10.71 -30.98 8.45
N THR A 279 -11.05 -30.46 9.62
CA THR A 279 -10.29 -29.36 10.20
C THR A 279 -9.55 -29.87 11.43
N SER A 280 -8.61 -29.06 11.89
CA SER A 280 -7.95 -29.30 13.17
C SER A 280 -8.90 -29.02 14.32
N GLU A 281 -8.71 -29.78 15.41
CA GLU A 281 -9.47 -29.54 16.63
C GLU A 281 -8.98 -28.28 17.34
N ASN A 282 -7.74 -27.87 17.08
CA ASN A 282 -7.12 -26.75 17.78
C ASN A 282 -7.72 -25.41 17.40
N ILE A 283 -8.66 -25.39 16.47
CA ILE A 283 -9.23 -24.14 15.95
C ILE A 283 -10.63 -23.99 16.49
N THR A 284 -10.84 -22.97 17.31
CA THR A 284 -12.16 -22.65 17.84
C THR A 284 -12.96 -21.90 16.78
N GLN A 285 -14.10 -22.44 16.38
CA GLN A 285 -14.88 -21.86 15.30
C GLN A 285 -16.13 -21.19 15.86
N LYS A 286 -16.24 -19.90 15.64
CA LYS A 286 -17.41 -19.14 16.06
C LYS A 286 -18.07 -18.57 14.82
N VAL A 287 -19.37 -18.76 14.70
CA VAL A 287 -20.14 -18.20 13.61
C VAL A 287 -21.17 -17.26 14.21
N VAL A 288 -21.26 -16.07 13.66
CA VAL A 288 -22.11 -15.02 14.18
C VAL A 288 -22.91 -14.45 13.02
N TRP A 289 -24.19 -14.21 13.25
CA TRP A 289 -25.01 -13.52 12.26
C TRP A 289 -24.64 -12.04 12.24
N VAL A 290 -24.40 -11.50 11.04
CA VAL A 290 -24.10 -10.08 10.86
C VAL A 290 -24.73 -9.62 9.54
N GLU A 291 -25.64 -8.66 9.61
CA GLU A 291 -26.10 -8.04 8.37
C GLU A 291 -24.92 -7.32 7.72
N GLU A 292 -25.03 -7.08 6.41
CA GLU A 292 -23.93 -6.42 5.71
C GLU A 292 -23.65 -5.05 6.32
N SER A 293 -24.68 -4.22 6.44
CA SER A 293 -24.53 -2.86 6.92
C SER A 293 -23.86 -2.78 8.29
N ASP A 294 -23.71 -3.89 9.01
CA ASP A 294 -23.13 -3.89 10.34
C ASP A 294 -21.72 -4.47 10.40
N LYS A 295 -21.30 -5.22 9.37
CA LYS A 295 -20.04 -5.96 9.40
C LYS A 295 -18.86 -5.10 9.84
N ARG A 296 -18.69 -3.94 9.20
CA ARG A 296 -17.60 -3.06 9.58
C ARG A 296 -17.58 -2.78 11.08
N SER A 297 -18.70 -2.26 11.62
CA SER A 297 -18.74 -2.00 13.07
C SER A 297 -18.35 -3.24 13.83
N PHE A 298 -18.96 -4.37 13.44
CA PHE A 298 -18.69 -5.61 14.14
C PHE A 298 -17.21 -5.98 14.04
N LEU A 299 -16.62 -5.86 12.83
CA LEU A 299 -15.20 -6.16 12.73
C LEU A 299 -14.39 -5.35 13.73
N LEU A 300 -14.72 -4.05 13.85
CA LEU A 300 -13.98 -3.17 14.75
C LEU A 300 -13.89 -3.75 16.14
N ASP A 301 -15.02 -4.26 16.67
CA ASP A 301 -14.99 -4.78 18.03
C ASP A 301 -13.96 -5.89 18.15
N LEU A 302 -13.98 -6.83 17.22
CA LEU A 302 -13.04 -7.94 17.25
C LEU A 302 -11.61 -7.40 17.29
N LEU A 303 -11.32 -6.40 16.45
CA LEU A 303 -9.96 -5.89 16.37
C LEU A 303 -9.55 -5.23 17.67
N ASN A 304 -10.51 -4.59 18.36
CA ASN A 304 -10.18 -3.93 19.60
C ASN A 304 -9.90 -4.93 20.72
N ALA A 305 -10.42 -6.16 20.60
CA ALA A 305 -10.19 -7.17 21.63
C ALA A 305 -8.86 -7.87 21.38
N THR A 306 -8.80 -8.73 20.37
CA THR A 306 -7.59 -9.53 20.13
C THR A 306 -6.57 -8.58 19.52
N GLY A 307 -5.88 -7.85 20.39
CA GLY A 307 -4.88 -6.91 19.93
C GLY A 307 -3.62 -7.06 20.73
N LYS A 308 -3.43 -8.25 21.29
CA LYS A 308 -2.41 -8.49 22.30
C LYS A 308 -1.02 -8.41 21.68
N ASP A 309 -0.58 -9.49 21.06
CA ASP A 309 0.64 -9.48 20.28
C ASP A 309 0.48 -10.46 19.14
N SER A 310 -0.77 -10.66 18.74
CA SER A 310 -1.16 -11.66 17.77
C SER A 310 -1.45 -10.99 16.42
N LEU A 311 -1.32 -11.80 15.37
CA LEU A 311 -1.61 -11.37 14.01
C LEU A 311 -3.02 -11.79 13.67
N THR A 312 -3.72 -10.94 12.93
CA THR A 312 -5.10 -11.20 12.56
C THR A 312 -5.24 -11.12 11.05
N LEU A 313 -5.91 -12.11 10.48
CA LEU A 313 -6.09 -12.23 9.04
C LEU A 313 -7.57 -12.12 8.72
N VAL A 314 -7.92 -11.19 7.84
CA VAL A 314 -9.32 -10.88 7.54
C VAL A 314 -9.55 -11.15 6.07
N PHE A 315 -10.40 -12.14 5.76
CA PHE A 315 -10.74 -12.53 4.39
C PHE A 315 -12.02 -11.85 3.93
N VAL A 316 -12.02 -11.39 2.67
CA VAL A 316 -13.18 -10.80 2.02
C VAL A 316 -13.36 -11.49 0.65
N GLU A 317 -14.40 -11.13 -0.09
CA GLU A 317 -14.70 -11.91 -1.29
C GLU A 317 -14.24 -11.28 -2.60
N THR A 318 -13.88 -10.00 -2.63
CA THR A 318 -13.44 -9.38 -3.88
C THR A 318 -12.19 -8.53 -3.65
N LYS A 319 -11.52 -8.21 -4.76
CA LYS A 319 -10.36 -7.33 -4.69
C LYS A 319 -10.78 -5.90 -4.32
N LYS A 320 -11.88 -5.41 -4.91
CA LYS A 320 -12.41 -4.12 -4.48
C LYS A 320 -12.72 -4.13 -2.99
N GLY A 321 -13.30 -5.22 -2.49
CA GLY A 321 -13.65 -5.25 -1.09
C GLY A 321 -12.44 -5.16 -0.20
N ALA A 322 -11.36 -5.87 -0.57
CA ALA A 322 -10.14 -5.80 0.21
C ALA A 322 -9.57 -4.39 0.21
N ASP A 323 -9.58 -3.73 -0.96
CA ASP A 323 -9.11 -2.35 -1.01
C ASP A 323 -9.94 -1.44 -0.11
N SER A 324 -11.26 -1.62 -0.16
CA SER A 324 -12.15 -0.75 0.57
C SER A 324 -12.00 -0.92 2.08
N LEU A 325 -12.05 -2.17 2.58
CA LEU A 325 -11.80 -2.39 4.01
C LEU A 325 -10.42 -1.91 4.44
N GLU A 326 -9.40 -2.20 3.66
CA GLU A 326 -8.07 -1.81 4.13
C GLU A 326 -7.98 -0.30 4.25
N ASP A 327 -8.64 0.44 3.35
CA ASP A 327 -8.71 1.88 3.51
C ASP A 327 -9.48 2.27 4.77
N PHE A 328 -10.63 1.65 4.97
CA PHE A 328 -11.43 1.94 6.15
C PHE A 328 -10.63 1.70 7.43
N LEU A 329 -9.97 0.56 7.53
CA LEU A 329 -9.24 0.26 8.74
C LEU A 329 -8.05 1.19 8.90
N TYR A 330 -7.41 1.55 7.78
CA TYR A 330 -6.27 2.46 7.86
C TYR A 330 -6.71 3.78 8.47
N HIS A 331 -7.82 4.33 7.96
CA HIS A 331 -8.26 5.62 8.46
C HIS A 331 -8.88 5.55 9.85
N GLU A 332 -9.22 4.37 10.34
CA GLU A 332 -9.68 4.25 11.72
C GLU A 332 -8.52 4.09 12.70
N GLY A 333 -7.29 4.14 12.20
CA GLY A 333 -6.11 4.13 13.06
C GLY A 333 -5.40 2.80 13.21
N TYR A 334 -5.75 1.80 12.42
CA TYR A 334 -5.18 0.49 12.59
C TYR A 334 -3.92 0.31 11.75
N ALA A 335 -3.02 -0.54 12.23
CA ALA A 335 -1.78 -0.90 11.53
C ALA A 335 -2.06 -2.10 10.65
N CYS A 336 -2.35 -1.85 9.37
CA CYS A 336 -2.86 -2.89 8.50
C CYS A 336 -2.27 -2.78 7.10
N THR A 337 -2.32 -3.89 6.37
CA THR A 337 -2.13 -3.92 4.92
C THR A 337 -3.15 -4.87 4.32
N SER A 338 -3.10 -4.92 2.99
CA SER A 338 -3.95 -5.79 2.21
C SER A 338 -3.09 -6.54 1.20
N ILE A 339 -3.62 -7.67 0.75
CA ILE A 339 -3.02 -8.41 -0.34
C ILE A 339 -4.15 -8.93 -1.21
N HIS A 340 -4.12 -8.56 -2.49
CA HIS A 340 -5.13 -9.00 -3.46
C HIS A 340 -4.53 -8.89 -4.85
N GLY A 341 -5.33 -9.23 -5.86
CA GLY A 341 -4.76 -9.39 -7.19
C GLY A 341 -4.43 -8.08 -7.87
N ASP A 342 -5.18 -7.02 -7.56
CA ASP A 342 -5.01 -5.73 -8.22
C ASP A 342 -3.82 -4.94 -7.65
N ARG A 343 -3.06 -5.53 -6.75
CA ARG A 343 -1.86 -4.91 -6.22
C ARG A 343 -0.64 -5.42 -6.98
N SER A 344 0.35 -4.55 -7.12
CA SER A 344 1.61 -4.93 -7.75
C SER A 344 2.28 -6.01 -6.92
N GLN A 345 3.08 -6.84 -7.57
CA GLN A 345 3.72 -7.93 -6.84
C GLN A 345 4.65 -7.43 -5.76
N ARG A 346 5.30 -6.28 -5.97
CA ARG A 346 6.13 -5.72 -4.92
C ARG A 346 5.32 -5.39 -3.68
N ASP A 347 4.23 -4.61 -3.86
CA ASP A 347 3.34 -4.26 -2.75
C ASP A 347 2.78 -5.52 -2.12
N ARG A 348 2.49 -6.51 -2.94
CA ARG A 348 1.90 -7.77 -2.49
C ARG A 348 2.83 -8.50 -1.54
N GLU A 349 4.08 -8.71 -1.96
CA GLU A 349 5.02 -9.40 -1.10
C GLU A 349 5.39 -8.55 0.12
N GLU A 350 5.50 -7.22 -0.05
CA GLU A 350 5.79 -6.36 1.10
C GLU A 350 4.67 -6.42 2.13
N ALA A 351 3.43 -6.43 1.66
CA ALA A 351 2.30 -6.60 2.57
C ALA A 351 2.45 -7.88 3.36
N LEU A 352 2.75 -8.98 2.67
CA LEU A 352 2.93 -10.24 3.37
C LEU A 352 4.09 -10.17 4.37
N HIS A 353 5.16 -9.47 4.02
CA HIS A 353 6.31 -9.38 4.92
C HIS A 353 5.96 -8.59 6.19
N GLN A 354 5.33 -7.43 6.01
CA GLN A 354 4.95 -6.60 7.14
C GLN A 354 3.98 -7.36 8.04
N PHE A 355 3.04 -8.09 7.44
CA PHE A 355 2.12 -8.88 8.25
C PHE A 355 2.88 -9.94 9.04
N ARG A 356 3.88 -10.57 8.42
CA ARG A 356 4.56 -11.69 9.07
C ARG A 356 5.43 -11.21 10.21
N SER A 357 6.01 -10.02 10.07
CA SER A 357 6.95 -9.46 11.03
C SER A 357 6.28 -8.67 12.14
N GLY A 358 4.96 -8.56 12.12
CA GLY A 358 4.23 -7.85 13.14
C GLY A 358 4.07 -6.37 12.90
N LYS A 359 4.80 -5.79 11.93
CA LYS A 359 4.69 -4.35 11.69
C LYS A 359 3.27 -3.95 11.31
N SER A 360 2.54 -4.81 10.60
CA SER A 360 1.14 -4.54 10.26
C SER A 360 0.35 -5.80 10.62
N PRO A 361 -0.07 -5.93 11.87
CA PRO A 361 -0.65 -7.20 12.35
C PRO A 361 -2.03 -7.50 11.79
N ILE A 362 -2.64 -6.65 10.99
CA ILE A 362 -3.93 -6.95 10.38
C ILE A 362 -3.75 -6.98 8.88
N LEU A 363 -4.10 -8.11 8.27
CA LEU A 363 -3.98 -8.29 6.83
C LEU A 363 -5.37 -8.52 6.27
N VAL A 364 -5.83 -7.60 5.45
CA VAL A 364 -7.06 -7.83 4.68
C VAL A 364 -6.69 -8.60 3.43
N ALA A 365 -7.48 -9.63 3.10
CA ALA A 365 -7.05 -10.54 2.06
C ALA A 365 -8.23 -11.10 1.28
N THR A 366 -8.01 -11.29 -0.03
CA THR A 366 -8.87 -12.14 -0.84
C THR A 366 -8.36 -13.57 -0.70
N ALA A 367 -8.94 -14.49 -1.47
CA ALA A 367 -8.39 -15.83 -1.30
C ALA A 367 -6.95 -16.02 -1.88
N VAL A 368 -6.16 -15.04 -2.38
CA VAL A 368 -4.73 -15.30 -2.59
C VAL A 368 -4.12 -15.92 -1.37
N ALA A 369 -4.58 -15.51 -0.19
CA ALA A 369 -4.01 -15.98 1.06
C ALA A 369 -4.81 -17.11 1.68
N ALA A 370 -5.80 -17.65 0.97
CA ALA A 370 -6.61 -18.69 1.58
C ALA A 370 -5.85 -20.00 1.75
N ARG A 371 -4.94 -20.31 0.83
CA ARG A 371 -4.35 -21.64 0.75
C ARG A 371 -2.84 -21.59 0.92
N GLY A 372 -2.32 -22.55 1.68
CA GLY A 372 -0.90 -22.87 1.67
C GLY A 372 0.04 -22.08 2.54
N LEU A 373 -0.23 -20.79 2.74
CA LEU A 373 0.64 -19.95 3.55
C LEU A 373 0.55 -20.35 5.02
N ASP A 374 1.69 -20.58 5.68
CA ASP A 374 1.68 -20.65 7.14
C ASP A 374 2.48 -19.48 7.69
N ILE A 375 1.87 -18.78 8.64
CA ILE A 375 2.47 -17.62 9.28
C ILE A 375 2.45 -17.86 10.77
N SER A 376 3.61 -17.80 11.40
CA SER A 376 3.67 -17.98 12.83
C SER A 376 2.95 -16.85 13.56
N ASN A 377 2.28 -17.21 14.66
CA ASN A 377 1.58 -16.29 15.58
C ASN A 377 0.33 -15.69 14.97
N VAL A 378 -0.18 -16.24 13.88
CA VAL A 378 -1.49 -15.81 13.42
C VAL A 378 -2.51 -16.51 14.32
N LYS A 379 -3.20 -15.73 15.14
CA LYS A 379 -4.03 -16.33 16.16
C LYS A 379 -5.52 -16.13 15.94
N HIS A 380 -5.92 -15.22 15.06
CA HIS A 380 -7.35 -15.00 14.80
C HIS A 380 -7.54 -14.93 13.29
N VAL A 381 -8.57 -15.60 12.80
CA VAL A 381 -8.95 -15.56 11.40
C VAL A 381 -10.40 -15.13 11.33
N ILE A 382 -10.67 -14.10 10.51
CA ILE A 382 -12.00 -13.50 10.46
C ILE A 382 -12.51 -13.59 9.03
N ASN A 383 -13.61 -14.31 8.84
CA ASN A 383 -14.33 -14.35 7.56
C ASN A 383 -15.32 -13.20 7.48
N PHE A 384 -14.78 -12.00 7.18
CA PHE A 384 -15.64 -10.85 6.93
C PHE A 384 -16.75 -11.18 5.92
N ASP A 385 -16.39 -11.91 4.85
CA ASP A 385 -17.35 -12.48 3.91
C ASP A 385 -17.19 -14.00 3.94
N LEU A 386 -18.30 -14.72 3.93
CA LEU A 386 -18.05 -16.15 3.88
C LEU A 386 -17.83 -16.58 2.43
N PRO A 387 -17.07 -17.67 2.21
CA PRO A 387 -16.93 -18.20 0.86
C PRO A 387 -18.22 -18.85 0.40
N SER A 388 -18.25 -19.33 -0.84
CA SER A 388 -19.42 -20.00 -1.35
C SER A 388 -19.42 -21.52 -1.15
N ASP A 389 -18.28 -22.11 -0.77
CA ASP A 389 -18.21 -23.55 -0.57
C ASP A 389 -17.36 -23.86 0.66
N ILE A 390 -17.58 -25.04 1.23
CA ILE A 390 -16.99 -25.34 2.51
C ILE A 390 -15.48 -25.60 2.39
N GLU A 391 -14.99 -25.95 1.21
CA GLU A 391 -13.57 -26.25 1.10
C GLU A 391 -12.73 -24.98 1.22
N GLU A 392 -13.14 -23.91 0.52
CA GLU A 392 -12.50 -22.62 0.69
C GLU A 392 -12.51 -22.20 2.15
N TYR A 393 -13.62 -22.44 2.85
CA TYR A 393 -13.71 -22.13 4.27
C TYR A 393 -12.68 -22.91 5.07
N VAL A 394 -12.57 -24.22 4.84
CA VAL A 394 -11.60 -25.01 5.60
C VAL A 394 -10.20 -24.46 5.40
N HIS A 395 -9.86 -24.12 4.17
CA HIS A 395 -8.50 -23.65 3.87
C HIS A 395 -8.23 -22.31 4.51
N ARG A 396 -9.23 -21.41 4.45
CA ARG A 396 -9.11 -20.09 5.05
C ARG A 396 -8.83 -20.20 6.54
N ILE A 397 -9.71 -20.90 7.28
CA ILE A 397 -9.50 -20.97 8.72
C ILE A 397 -8.25 -21.76 9.04
N GLY A 398 -7.73 -22.52 8.09
CA GLY A 398 -6.49 -23.22 8.34
C GLY A 398 -5.29 -22.32 8.49
N ARG A 399 -5.41 -21.02 8.21
CA ARG A 399 -4.22 -20.18 8.33
C ARG A 399 -3.78 -20.02 9.77
N THR A 400 -4.69 -20.19 10.73
CA THR A 400 -4.34 -20.21 12.14
C THR A 400 -4.47 -21.63 12.65
N GLY A 401 -3.98 -21.84 13.87
CA GLY A 401 -4.04 -23.14 14.49
C GLY A 401 -3.28 -24.15 13.68
N ARG A 402 -1.98 -23.90 13.53
CA ARG A 402 -1.23 -24.71 12.60
C ARG A 402 -0.64 -25.88 13.38
N VAL A 403 0.67 -25.84 13.59
CA VAL A 403 1.45 -27.03 13.89
C VAL A 403 1.24 -27.49 15.34
N GLY A 404 -0.02 -27.61 15.74
CA GLY A 404 -0.36 -27.94 17.10
C GLY A 404 -0.80 -26.76 17.95
N ASN A 405 -0.41 -25.54 17.57
CA ASN A 405 -0.88 -24.31 18.20
C ASN A 405 -2.40 -24.18 18.07
N LEU A 406 -2.98 -23.31 18.91
CA LEU A 406 -4.41 -23.06 18.91
C LEU A 406 -4.74 -21.78 18.16
N GLY A 407 -6.01 -21.64 17.78
CA GLY A 407 -6.44 -20.46 17.04
C GLY A 407 -7.93 -20.25 17.09
N LEU A 408 -8.33 -19.03 16.76
CA LEU A 408 -9.74 -18.63 16.73
C LEU A 408 -10.14 -18.26 15.30
N ALA A 409 -11.37 -18.60 14.95
CA ALA A 409 -11.91 -18.30 13.62
C ALA A 409 -13.35 -17.83 13.75
N THR A 410 -13.58 -16.55 13.47
CA THR A 410 -14.90 -15.96 13.57
C THR A 410 -15.43 -15.66 12.18
N SER A 411 -16.70 -15.94 11.94
CA SER A 411 -17.22 -15.83 10.59
C SER A 411 -18.56 -15.11 10.58
N PHE A 412 -18.72 -14.21 9.63
CA PHE A 412 -19.96 -13.46 9.51
C PHE A 412 -20.88 -14.19 8.55
N PHE A 413 -22.14 -14.31 8.95
CA PHE A 413 -23.13 -15.15 8.28
C PHE A 413 -24.39 -14.33 8.09
N ASN A 414 -25.07 -14.50 6.95
CA ASN A 414 -26.36 -13.83 6.79
C ASN A 414 -27.08 -14.50 5.61
N GLU A 415 -28.12 -13.81 5.09
CA GLU A 415 -28.89 -14.28 3.95
C GLU A 415 -28.00 -14.86 2.85
N ARG A 416 -26.99 -14.08 2.43
CA ARG A 416 -26.17 -14.40 1.28
C ARG A 416 -25.43 -15.72 1.44
N ASN A 417 -25.33 -16.24 2.66
CA ASN A 417 -24.56 -17.44 2.92
C ASN A 417 -25.43 -18.69 3.11
N ILE A 418 -26.73 -18.62 2.77
CA ILE A 418 -27.64 -19.73 3.05
C ILE A 418 -27.09 -21.04 2.48
N ASN A 419 -26.54 -20.99 1.25
CA ASN A 419 -26.11 -22.20 0.56
C ASN A 419 -25.13 -23.02 1.40
N ILE A 420 -24.29 -22.38 2.22
CA ILE A 420 -23.26 -23.13 2.89
C ILE A 420 -23.76 -23.79 4.18
N THR A 421 -24.90 -23.34 4.71
CA THR A 421 -25.44 -23.75 6.01
C THR A 421 -25.14 -25.20 6.36
N LYS A 422 -25.86 -26.12 5.68
CA LYS A 422 -25.74 -27.55 5.88
C LYS A 422 -24.27 -27.93 6.05
N ASP A 423 -23.45 -27.67 5.03
CA ASP A 423 -22.06 -28.11 5.10
C ASP A 423 -21.38 -27.55 6.34
N LEU A 424 -21.49 -26.23 6.54
CA LEU A 424 -20.88 -25.60 7.70
C LEU A 424 -21.34 -26.29 8.97
N LEU A 425 -22.66 -26.46 9.11
CA LEU A 425 -23.21 -27.16 10.27
C LEU A 425 -22.53 -28.50 10.46
N ASP A 426 -22.46 -29.30 9.40
CA ASP A 426 -21.85 -30.62 9.50
C ASP A 426 -20.40 -30.52 9.99
N LEU A 427 -19.64 -29.57 9.40
CA LEU A 427 -18.24 -29.46 9.79
C LEU A 427 -18.12 -29.03 11.24
N LEU A 428 -19.07 -28.22 11.73
CA LEU A 428 -19.01 -27.83 13.12
C LEU A 428 -19.16 -29.03 14.03
N VAL A 429 -20.00 -29.99 13.65
CA VAL A 429 -20.25 -31.11 14.54
C VAL A 429 -19.00 -31.97 14.67
N GLU A 430 -18.45 -32.46 13.55
CA GLU A 430 -17.30 -33.33 13.68
C GLU A 430 -16.09 -32.59 14.23
N ALA A 431 -16.11 -31.26 14.21
CA ALA A 431 -15.02 -30.50 14.81
C ALA A 431 -15.21 -30.30 16.31
N LYS A 432 -16.37 -30.71 16.85
CA LYS A 432 -16.69 -30.55 18.26
C LYS A 432 -16.71 -29.08 18.66
N GLN A 433 -17.46 -28.28 17.89
CA GLN A 433 -17.53 -26.84 18.06
C GLN A 433 -18.95 -26.42 18.42
N GLU A 434 -19.07 -25.25 19.04
CA GLU A 434 -20.39 -24.69 19.32
C GLU A 434 -21.19 -24.54 18.04
N VAL A 435 -22.48 -24.85 18.12
CA VAL A 435 -23.34 -24.76 16.94
C VAL A 435 -24.46 -23.76 17.21
N PRO A 436 -24.46 -22.62 16.54
CA PRO A 436 -25.59 -21.69 16.69
C PRO A 436 -26.89 -22.39 16.37
N SER A 437 -27.91 -22.08 17.18
CA SER A 437 -29.19 -22.76 17.05
C SER A 437 -29.93 -22.30 15.80
N TRP A 438 -29.88 -21.00 15.52
CA TRP A 438 -30.47 -20.48 14.29
C TRP A 438 -29.83 -21.08 13.06
N LEU A 439 -28.60 -21.59 13.19
CA LEU A 439 -27.96 -22.26 12.06
C LEU A 439 -28.64 -23.59 11.77
N GLU A 440 -28.84 -24.41 12.82
CA GLU A 440 -29.64 -25.63 12.68
C GLU A 440 -31.03 -25.33 12.10
N ASN A 441 -31.75 -24.38 12.71
CA ASN A 441 -33.10 -24.06 12.23
C ASN A 441 -33.09 -23.50 10.81
N MET A 442 -31.94 -23.03 10.34
CA MET A 442 -31.83 -22.51 8.99
C MET A 442 -31.64 -23.63 7.96
N ALA A 443 -31.14 -24.78 8.40
CA ALA A 443 -30.86 -25.93 7.56
C ALA A 443 -32.04 -26.89 7.48
N TYR A 444 -33.23 -26.43 7.86
CA TYR A 444 -34.49 -27.17 7.85
C TYR A 444 -34.47 -28.34 8.85
N ASP B 3 -22.30 35.88 19.24
CA ASP B 3 -22.50 34.62 19.97
C ASP B 3 -21.24 33.78 19.91
N TRP B 4 -20.57 33.81 18.75
CA TRP B 4 -19.49 32.89 18.47
C TRP B 4 -18.10 33.51 18.60
N SER B 5 -18.00 34.83 18.73
CA SER B 5 -16.68 35.39 18.97
C SER B 5 -16.18 35.08 20.38
N LYS B 6 -16.98 34.39 21.19
CA LYS B 6 -16.59 33.99 22.54
C LYS B 6 -16.11 32.55 22.55
N PRO B 7 -14.86 32.28 22.99
CA PRO B 7 -14.32 30.92 22.91
C PRO B 7 -14.96 29.92 23.87
N LEU B 8 -14.39 28.72 23.92
CA LEU B 8 -14.95 27.58 24.61
C LEU B 8 -13.90 26.91 25.48
N PRO B 9 -14.28 25.91 26.28
CA PRO B 9 -13.30 25.22 27.15
C PRO B 9 -12.19 24.55 26.37
N PRO B 10 -10.93 24.65 26.83
CA PRO B 10 -9.83 23.95 26.15
C PRO B 10 -9.59 22.53 26.66
N SER B 11 -8.55 21.90 26.13
CA SER B 11 -8.11 20.57 26.56
C SER B 11 -6.68 20.42 26.08
N GLU B 12 -5.71 20.36 27.01
CA GLU B 12 -4.30 20.30 26.64
C GLU B 12 -3.96 19.04 25.85
N ARG B 13 -4.76 17.98 25.96
CA ARG B 13 -4.64 16.83 25.07
C ARG B 13 -4.69 17.29 23.60
N LEU B 14 -5.71 18.08 23.25
CA LEU B 14 -5.81 18.62 21.90
C LEU B 14 -4.64 19.55 21.57
N GLU B 15 -4.18 20.33 22.55
CA GLU B 15 -3.06 21.22 22.30
C GLU B 15 -1.80 20.43 21.96
N GLN B 16 -1.67 19.22 22.50
CA GLN B 16 -0.58 18.36 22.07
C GLN B 16 -0.85 17.77 20.69
N GLU B 17 -2.11 17.40 20.42
CA GLU B 17 -2.45 16.81 19.12
C GLU B 17 -2.29 17.78 17.96
N LEU B 18 -2.36 19.09 18.21
CA LEU B 18 -2.43 20.08 17.14
C LEU B 18 -1.13 20.85 16.90
N PHE B 19 -0.63 21.52 17.94
CA PHE B 19 0.45 22.49 17.76
C PHE B 19 1.80 21.79 17.91
N SER B 20 2.57 21.78 16.82
CA SER B 20 3.87 21.14 16.83
C SER B 20 4.86 21.97 17.65
N GLY B 21 5.00 23.25 17.30
CA GLY B 21 5.90 24.13 18.03
C GLY B 21 6.45 25.26 17.19
N GLY B 22 6.44 25.12 15.86
CA GLY B 22 6.90 26.21 15.02
C GLY B 22 8.41 26.39 15.01
N ASN B 23 8.96 26.75 13.85
CA ASN B 23 10.41 26.80 13.68
C ASN B 23 10.87 28.20 13.33
N THR B 24 10.52 28.71 12.14
CA THR B 24 10.89 30.02 11.60
C THR B 24 12.36 30.02 11.21
N GLY B 25 12.65 30.53 10.02
CA GLY B 25 13.98 30.46 9.48
C GLY B 25 14.90 31.52 10.03
N ILE B 26 16.14 31.46 9.55
CA ILE B 26 17.10 32.47 9.94
C ILE B 26 16.85 33.74 9.14
N ASN B 27 16.38 33.61 7.90
CA ASN B 27 16.12 34.75 7.03
C ASN B 27 14.65 35.15 7.04
N PHE B 28 13.96 34.91 8.16
CA PHE B 28 12.57 35.31 8.27
C PHE B 28 12.42 36.82 8.20
N GLU B 29 13.51 37.56 8.43
CA GLU B 29 13.45 39.01 8.40
C GLU B 29 13.55 39.58 7.00
N LYS B 30 14.26 38.90 6.09
CA LYS B 30 14.40 39.43 4.73
C LYS B 30 13.07 39.50 3.99
N TYR B 31 12.01 38.90 4.54
CA TYR B 31 10.68 39.06 3.98
C TYR B 31 10.25 40.53 3.94
N ASP B 32 10.75 41.35 4.87
CA ASP B 32 10.43 42.78 4.87
C ASP B 32 11.09 43.53 3.74
N ASP B 33 12.10 42.96 3.08
CA ASP B 33 12.82 43.66 2.02
C ASP B 33 12.17 43.51 0.66
N ILE B 34 10.93 43.08 0.60
CA ILE B 34 10.32 42.64 -0.66
C ILE B 34 9.25 43.65 -1.06
N PRO B 35 9.25 44.10 -2.32
CA PRO B 35 8.32 45.15 -2.77
C PRO B 35 6.91 44.62 -3.03
N VAL B 36 5.93 45.14 -2.29
CA VAL B 36 4.54 44.72 -2.38
C VAL B 36 3.77 45.68 -3.29
N GLU B 37 2.96 45.11 -4.18
CA GLU B 37 2.10 45.86 -5.10
C GLU B 37 0.64 45.53 -4.82
N ALA B 38 -0.22 46.55 -4.78
CA ALA B 38 -1.66 46.39 -4.58
C ALA B 38 -2.41 47.16 -5.65
N THR B 39 -3.17 46.46 -6.50
CA THR B 39 -3.89 47.03 -7.64
C THR B 39 -5.40 46.94 -7.47
N GLY B 40 -6.09 48.05 -7.66
CA GLY B 40 -7.54 47.99 -7.65
C GLY B 40 -8.20 49.18 -6.98
N ASN B 41 -9.53 49.16 -6.94
CA ASN B 41 -10.29 50.27 -6.39
C ASN B 41 -10.36 50.16 -4.87
N ASN B 42 -9.95 51.23 -4.19
CA ASN B 42 -10.18 51.40 -2.75
C ASN B 42 -9.65 50.21 -1.96
N CYS B 43 -8.33 50.02 -2.05
CA CYS B 43 -7.66 48.92 -1.37
C CYS B 43 -7.37 49.26 0.09
N PRO B 44 -7.81 48.46 1.06
CA PRO B 44 -7.62 48.81 2.49
C PRO B 44 -6.15 48.74 2.88
N PRO B 45 -5.77 49.37 3.99
CA PRO B 45 -4.35 49.45 4.34
C PRO B 45 -3.82 48.15 4.92
N HIS B 46 -2.52 47.92 4.67
CA HIS B 46 -1.85 46.74 5.19
C HIS B 46 -1.36 46.96 6.62
N ILE B 47 -1.57 45.97 7.47
CA ILE B 47 -1.15 46.05 8.86
C ILE B 47 0.32 45.72 8.98
N GLU B 48 0.88 45.87 10.19
CA GLU B 48 2.23 45.44 10.53
C GLU B 48 2.26 44.52 11.75
N SER B 49 1.13 44.34 12.42
CA SER B 49 1.05 43.49 13.59
C SER B 49 -0.34 42.86 13.63
N PHE B 50 -0.43 41.70 14.27
CA PHE B 50 -1.72 41.07 14.46
C PHE B 50 -2.62 41.89 15.36
N SER B 51 -2.05 42.80 16.14
CA SER B 51 -2.80 43.66 17.04
C SER B 51 -3.31 44.92 16.36
N ASP B 52 -3.15 45.02 15.04
CA ASP B 52 -3.62 46.18 14.30
C ASP B 52 -5.05 46.03 13.79
N VAL B 53 -5.68 44.86 13.96
CA VAL B 53 -7.07 44.63 13.55
C VAL B 53 -7.73 43.71 14.57
N GLU B 54 -9.05 43.62 14.45
CA GLU B 54 -9.91 42.97 15.46
C GLU B 54 -10.03 41.48 15.15
N MET B 55 -9.10 40.71 15.67
CA MET B 55 -9.18 39.26 15.66
C MET B 55 -9.70 38.80 17.02
N GLY B 56 -10.71 37.93 17.02
CA GLY B 56 -11.32 37.48 18.26
C GLY B 56 -10.32 36.91 19.27
N GLU B 57 -10.73 36.75 20.53
CA GLU B 57 -9.88 36.03 21.48
C GLU B 57 -9.42 34.70 20.89
N ILE B 58 -10.33 34.04 20.17
CA ILE B 58 -10.03 32.75 19.56
C ILE B 58 -8.84 32.87 18.63
N ILE B 59 -8.88 33.84 17.72
CA ILE B 59 -7.84 33.97 16.70
C ILE B 59 -6.48 34.27 17.32
N MET B 60 -6.41 35.30 18.17
CA MET B 60 -5.13 35.69 18.75
C MET B 60 -4.56 34.60 19.66
N GLY B 61 -5.43 33.92 20.41
CA GLY B 61 -4.96 32.82 21.25
C GLY B 61 -4.35 31.71 20.43
N ASN B 62 -5.04 31.29 19.37
CA ASN B 62 -4.48 30.25 18.50
C ASN B 62 -3.24 30.74 17.76
N ILE B 63 -3.12 32.05 17.49
CA ILE B 63 -1.91 32.55 16.85
C ILE B 63 -0.71 32.39 17.78
N GLU B 64 -0.84 32.81 19.03
CA GLU B 64 0.27 32.60 19.95
C GLU B 64 0.46 31.14 20.32
N LEU B 65 -0.51 30.26 20.04
CA LEU B 65 -0.27 28.84 20.23
C LEU B 65 0.62 28.28 19.12
N THR B 66 0.42 28.69 17.87
CA THR B 66 1.26 28.19 16.81
C THR B 66 2.62 28.89 16.80
N ARG B 67 2.87 29.75 17.78
CA ARG B 67 4.15 30.46 17.92
C ARG B 67 4.44 31.34 16.70
N TYR B 68 3.44 32.14 16.33
CA TYR B 68 3.56 33.17 15.30
C TYR B 68 3.80 34.53 15.95
N THR B 69 4.97 35.11 15.69
CA THR B 69 5.29 36.42 16.27
C THR B 69 4.59 37.54 15.51
N ARG B 70 4.99 37.78 14.28
CA ARG B 70 4.47 38.88 13.50
C ARG B 70 4.11 38.39 12.11
N PRO B 71 3.19 39.05 11.42
CA PRO B 71 2.75 38.54 10.12
C PRO B 71 3.80 38.70 9.03
N THR B 72 3.68 37.85 8.02
CA THR B 72 4.52 37.90 6.84
C THR B 72 3.92 38.92 5.87
N PRO B 73 4.68 39.37 4.84
CA PRO B 73 4.14 40.40 3.94
C PRO B 73 2.75 40.13 3.39
N VAL B 74 2.57 39.00 2.72
CA VAL B 74 1.28 38.67 2.11
C VAL B 74 0.19 38.66 3.18
N GLN B 75 0.51 38.20 4.39
CA GLN B 75 -0.47 38.24 5.48
C GLN B 75 -0.83 39.68 5.84
N LYS B 76 0.19 40.52 6.08
CA LYS B 76 -0.01 41.93 6.41
C LYS B 76 -0.95 42.59 5.41
N HIS B 77 -0.82 42.22 4.14
CA HIS B 77 -1.63 42.85 3.12
C HIS B 77 -3.00 42.21 2.93
N ALA B 78 -3.13 40.90 3.16
CA ALA B 78 -4.37 40.22 2.80
C ALA B 78 -5.35 40.06 3.95
N ILE B 79 -4.90 39.96 5.21
CA ILE B 79 -5.85 39.92 6.31
C ILE B 79 -6.84 41.08 6.23
N PRO B 80 -6.42 42.33 6.00
CA PRO B 80 -7.44 43.39 5.84
C PRO B 80 -8.35 43.21 4.64
N ILE B 81 -7.79 42.96 3.44
CA ILE B 81 -8.62 42.84 2.25
C ILE B 81 -9.74 41.82 2.44
N ILE B 82 -9.44 40.69 3.05
CA ILE B 82 -10.46 39.68 3.29
C ILE B 82 -11.36 40.04 4.48
N LYS B 83 -10.81 40.73 5.49
CA LYS B 83 -11.67 41.17 6.59
C LYS B 83 -12.65 42.24 6.11
N GLU B 84 -12.29 43.00 5.07
CA GLU B 84 -13.13 43.98 4.42
C GLU B 84 -14.05 43.39 3.35
N LYS B 85 -14.08 42.07 3.19
CA LYS B 85 -15.01 41.36 2.31
C LYS B 85 -14.89 41.82 0.85
N ARG B 86 -13.66 41.82 0.35
CA ARG B 86 -13.37 42.17 -1.03
C ARG B 86 -12.78 40.97 -1.72
N ASP B 87 -13.12 40.77 -3.00
CA ASP B 87 -12.48 39.70 -3.73
C ASP B 87 -11.00 40.02 -3.89
N LEU B 88 -10.18 38.96 -3.95
CA LEU B 88 -8.74 39.11 -3.82
C LEU B 88 -8.00 38.12 -4.71
N MET B 89 -6.97 38.59 -5.38
CA MET B 89 -6.06 37.73 -6.13
C MET B 89 -4.65 37.99 -5.63
N ALA B 90 -4.06 37.03 -4.90
CA ALA B 90 -2.77 37.21 -4.23
C ALA B 90 -1.70 36.28 -4.78
N CYS B 91 -0.50 36.86 -5.01
CA CYS B 91 0.69 36.09 -5.34
C CYS B 91 1.81 36.36 -4.34
N ALA B 92 2.45 35.29 -3.87
CA ALA B 92 3.52 35.40 -2.90
C ALA B 92 4.42 34.16 -3.02
N GLN B 93 5.63 34.28 -2.49
CA GLN B 93 6.66 33.26 -2.64
C GLN B 93 6.22 31.94 -2.00
N THR B 94 6.84 30.85 -2.45
CA THR B 94 6.55 29.56 -1.82
C THR B 94 6.98 29.62 -0.36
N GLY B 95 6.14 29.09 0.51
CA GLY B 95 6.44 29.04 1.93
C GLY B 95 6.47 30.38 2.63
N SER B 96 5.62 31.32 2.20
CA SER B 96 5.57 32.66 2.78
C SER B 96 4.27 32.93 3.51
N GLY B 97 3.46 31.90 3.73
CA GLY B 97 2.33 31.98 4.62
C GLY B 97 0.98 32.29 4.00
N LYS B 98 0.75 31.89 2.76
CA LYS B 98 -0.53 32.21 2.11
C LYS B 98 -1.68 31.50 2.80
N THR B 99 -1.46 30.26 3.25
CA THR B 99 -2.52 29.49 3.88
C THR B 99 -3.12 30.24 5.05
N ALA B 100 -2.29 30.61 6.04
CA ALA B 100 -2.79 31.35 7.19
C ALA B 100 -3.34 32.71 6.76
N ALA B 101 -2.74 33.30 5.72
CA ALA B 101 -3.20 34.59 5.23
C ALA B 101 -4.66 34.55 4.84
N PHE B 102 -5.15 33.44 4.30
CA PHE B 102 -6.59 33.42 4.02
C PHE B 102 -7.40 32.69 5.09
N LEU B 103 -6.78 31.88 5.93
CA LEU B 103 -7.59 31.17 6.91
C LEU B 103 -7.88 31.99 8.15
N LEU B 104 -7.01 32.93 8.50
CA LEU B 104 -7.26 33.72 9.70
C LEU B 104 -8.43 34.69 9.53
N PRO B 105 -8.45 35.56 8.50
CA PRO B 105 -9.58 36.50 8.39
C PRO B 105 -10.93 35.81 8.23
N ILE B 106 -11.01 34.76 7.42
CA ILE B 106 -12.29 34.06 7.23
C ILE B 106 -12.83 33.57 8.57
N LEU B 107 -11.96 32.96 9.36
CA LEU B 107 -12.41 32.45 10.65
C LEU B 107 -12.79 33.58 11.59
N SER B 108 -12.04 34.70 11.58
CA SER B 108 -12.40 35.81 12.46
C SER B 108 -13.79 36.34 12.11
N GLN B 109 -14.09 36.44 10.80
CA GLN B 109 -15.38 36.97 10.36
C GLN B 109 -16.52 36.02 10.72
N ILE B 110 -16.28 34.70 10.60
CA ILE B 110 -17.34 33.78 11.01
C ILE B 110 -17.49 33.78 12.53
N TYR B 111 -16.43 34.07 13.29
CA TYR B 111 -16.56 34.16 14.73
C TYR B 111 -17.40 35.35 15.14
N SER B 112 -17.11 36.52 14.58
CA SER B 112 -17.91 37.69 14.93
C SER B 112 -19.35 37.52 14.43
N ASP B 113 -19.52 37.40 13.10
CA ASP B 113 -20.85 37.41 12.52
C ASP B 113 -21.67 36.17 12.88
N GLY B 114 -21.03 35.09 13.31
CA GLY B 114 -21.74 33.87 13.59
C GLY B 114 -22.27 33.27 12.30
N PRO B 115 -23.10 32.23 12.42
CA PRO B 115 -23.63 31.57 11.22
C PRO B 115 -24.62 32.41 10.45
N GLY B 116 -25.06 33.52 11.01
CA GLY B 116 -26.06 34.36 10.37
C GLY B 116 -27.46 33.84 10.58
N GLU B 117 -28.42 34.72 10.31
CA GLU B 117 -29.84 34.39 10.40
C GLU B 117 -30.17 33.16 9.56
N ALA B 118 -29.58 33.05 8.37
CA ALA B 118 -29.88 31.95 7.45
C ALA B 118 -29.72 30.60 8.13
N LEU B 119 -28.49 30.32 8.60
CA LEU B 119 -28.20 29.02 9.22
C LEU B 119 -28.80 28.89 10.62
N ARG B 120 -28.98 30.00 11.35
CA ARG B 120 -29.69 29.89 12.62
C ARG B 120 -31.15 29.53 12.44
N ALA B 121 -31.74 29.78 11.26
CA ALA B 121 -33.12 29.43 10.95
C ALA B 121 -33.34 27.93 10.70
N MET B 122 -32.34 27.06 10.92
CA MET B 122 -32.50 25.62 10.68
C MET B 122 -32.12 24.82 11.92
N LYS B 123 -32.39 25.40 13.09
CA LYS B 123 -32.30 24.73 14.37
C LYS B 123 -33.66 24.21 14.84
N GLU B 124 -34.65 24.12 13.93
CA GLU B 124 -36.03 23.77 14.27
C GLU B 124 -36.45 22.33 13.93
N ASN B 125 -36.04 21.79 12.80
CA ASN B 125 -36.55 20.50 12.31
C ASN B 125 -35.38 19.72 11.68
N GLY B 126 -35.73 18.77 10.81
CA GLY B 126 -34.74 17.99 10.11
C GLY B 126 -35.20 16.59 9.80
N ARG B 127 -35.04 16.18 8.54
CA ARG B 127 -35.40 14.85 8.09
C ARG B 127 -34.36 13.82 8.57
N TYR B 128 -34.82 12.58 8.77
CA TYR B 128 -33.99 11.52 9.33
C TYR B 128 -32.82 11.17 8.42
N GLY B 129 -31.60 11.36 8.92
CA GLY B 129 -30.38 11.10 8.17
C GLY B 129 -29.94 12.26 7.30
N ARG B 130 -30.91 12.89 6.64
CA ARG B 130 -30.68 13.96 5.66
C ARG B 130 -30.29 15.25 6.35
N ARG B 131 -29.22 15.17 7.14
CA ARG B 131 -28.55 16.36 7.66
C ARG B 131 -27.45 16.79 6.69
N LYS B 132 -27.88 17.07 5.46
CA LYS B 132 -27.02 17.76 4.49
C LYS B 132 -26.41 19.01 5.14
N GLN B 133 -25.11 19.18 4.97
CA GLN B 133 -24.43 20.30 5.59
C GLN B 133 -24.26 21.44 4.60
N TYR B 134 -24.41 22.66 5.11
CA TYR B 134 -24.32 23.88 4.31
C TYR B 134 -23.11 24.64 4.82
N PRO B 135 -21.95 24.45 4.23
CA PRO B 135 -20.75 25.12 4.71
C PRO B 135 -20.81 26.60 4.42
N ILE B 136 -20.21 27.38 5.32
CA ILE B 136 -20.04 28.80 5.10
C ILE B 136 -18.88 29.05 4.15
N SER B 137 -17.80 28.29 4.28
CA SER B 137 -16.59 28.50 3.50
C SER B 137 -16.16 27.23 2.78
N LEU B 138 -15.61 27.40 1.59
CA LEU B 138 -15.11 26.31 0.76
C LEU B 138 -13.69 26.67 0.33
N VAL B 139 -12.76 25.74 0.53
CA VAL B 139 -11.39 25.85 0.05
C VAL B 139 -11.18 24.74 -0.97
N LEU B 140 -10.71 25.09 -2.15
CA LEU B 140 -10.47 24.10 -3.19
C LEU B 140 -8.98 23.94 -3.42
N ALA B 141 -8.55 22.69 -3.54
CA ALA B 141 -7.15 22.36 -3.72
C ALA B 141 -6.94 21.38 -4.87
N PRO B 142 -5.75 21.40 -5.47
CA PRO B 142 -5.51 20.55 -6.65
C PRO B 142 -5.11 19.11 -6.35
N THR B 143 -4.68 18.77 -5.13
CA THR B 143 -4.39 17.37 -4.80
C THR B 143 -4.97 17.04 -3.42
N ARG B 144 -5.03 15.74 -3.16
CA ARG B 144 -5.71 15.22 -1.99
C ARG B 144 -4.91 15.53 -0.71
N GLU B 145 -3.60 15.27 -0.76
CA GLU B 145 -2.79 15.52 0.43
C GLU B 145 -2.72 17.00 0.75
N LEU B 146 -2.74 17.86 -0.28
CA LEU B 146 -2.73 19.28 0.00
C LEU B 146 -4.04 19.72 0.64
N ALA B 147 -5.16 19.14 0.19
CA ALA B 147 -6.44 19.40 0.85
C ALA B 147 -6.34 19.06 2.32
N VAL B 148 -5.82 17.88 2.64
CA VAL B 148 -5.74 17.47 4.04
C VAL B 148 -4.82 18.40 4.83
N GLN B 149 -3.71 18.82 4.22
CA GLN B 149 -2.82 19.71 4.94
C GLN B 149 -3.53 21.01 5.32
N ILE B 150 -4.31 21.55 4.38
CA ILE B 150 -5.03 22.79 4.68
C ILE B 150 -6.07 22.54 5.75
N TYR B 151 -6.78 21.41 5.67
CA TYR B 151 -7.76 21.03 6.68
C TYR B 151 -7.15 20.98 8.06
N GLU B 152 -5.93 20.43 8.18
CA GLU B 152 -5.27 20.38 9.48
C GLU B 152 -4.92 21.77 9.98
N GLU B 153 -4.45 22.63 9.07
CA GLU B 153 -4.19 24.01 9.47
C GLU B 153 -5.47 24.68 9.98
N ALA B 154 -6.60 24.37 9.33
CA ALA B 154 -7.88 24.88 9.76
C ALA B 154 -8.22 24.40 11.17
N ARG B 155 -8.09 23.08 11.40
CA ARG B 155 -8.35 22.55 12.75
C ARG B 155 -7.51 23.28 13.78
N LYS B 156 -6.27 23.61 13.44
CA LYS B 156 -5.44 24.39 14.36
C LYS B 156 -6.04 25.77 14.63
N PHE B 157 -6.53 26.44 13.59
CA PHE B 157 -7.02 27.79 13.82
C PHE B 157 -8.46 27.83 14.34
N SER B 158 -9.22 26.74 14.23
CA SER B 158 -10.59 26.66 14.75
C SER B 158 -10.64 25.99 16.12
N TYR B 159 -9.60 26.17 16.92
CA TYR B 159 -9.53 25.54 18.23
C TYR B 159 -10.33 26.36 19.24
N ARG B 160 -11.09 25.65 20.08
CA ARG B 160 -11.94 26.29 21.08
C ARG B 160 -13.02 27.16 20.42
N SER B 161 -13.48 26.79 19.23
CA SER B 161 -14.54 27.54 18.59
C SER B 161 -15.66 26.59 18.21
N ARG B 162 -16.83 27.16 17.97
CA ARG B 162 -17.96 26.40 17.48
C ARG B 162 -17.86 26.12 15.98
N VAL B 163 -16.83 26.63 15.33
CA VAL B 163 -16.58 26.37 13.93
C VAL B 163 -15.85 25.03 13.81
N ARG B 164 -16.39 24.12 13.01
CA ARG B 164 -15.78 22.81 12.88
C ARG B 164 -15.49 22.52 11.41
N PRO B 165 -14.22 22.34 11.03
CA PRO B 165 -13.90 22.10 9.62
C PRO B 165 -13.93 20.62 9.24
N CYS B 166 -14.08 20.40 7.94
CA CYS B 166 -14.04 19.06 7.37
C CYS B 166 -13.24 19.06 6.08
N VAL B 167 -13.00 17.88 5.56
CA VAL B 167 -12.29 17.74 4.32
C VAL B 167 -12.90 16.60 3.56
N VAL B 168 -13.00 16.75 2.23
CA VAL B 168 -13.43 15.66 1.37
C VAL B 168 -12.52 15.60 0.15
N TYR B 169 -12.17 14.37 -0.24
CA TYR B 169 -11.16 14.13 -1.27
C TYR B 169 -11.25 12.68 -1.71
N GLY B 170 -10.87 12.44 -2.96
CA GLY B 170 -10.96 11.12 -3.55
C GLY B 170 -10.04 10.08 -2.93
N GLY B 171 -10.14 8.86 -3.46
CA GLY B 171 -9.32 7.75 -2.99
C GLY B 171 -9.69 7.15 -1.66
N ALA B 172 -9.93 7.98 -0.65
CA ALA B 172 -10.24 7.54 0.71
C ALA B 172 -11.69 7.09 0.82
N ASP B 173 -12.01 6.47 1.96
CA ASP B 173 -13.34 5.91 2.16
C ASP B 173 -14.41 6.99 2.21
N ILE B 174 -15.47 6.79 1.44
CA ILE B 174 -16.54 7.78 1.30
C ILE B 174 -17.37 7.86 2.58
N GLY B 175 -17.70 6.69 3.18
CA GLY B 175 -18.60 6.67 4.31
C GLY B 175 -18.05 7.39 5.52
N GLN B 176 -16.75 7.26 5.76
CA GLN B 176 -16.13 7.97 6.88
C GLN B 176 -16.19 9.47 6.70
N GLN B 177 -15.98 9.96 5.47
CA GLN B 177 -16.08 11.39 5.22
C GLN B 177 -17.52 11.86 5.39
N ILE B 178 -18.49 11.06 4.95
CA ILE B 178 -19.89 11.40 5.18
C ILE B 178 -20.17 11.49 6.68
N ARG B 179 -19.77 10.47 7.45
CA ARG B 179 -19.99 10.52 8.89
C ARG B 179 -19.34 11.74 9.51
N ASP B 180 -18.14 12.10 9.06
CA ASP B 180 -17.51 13.26 9.66
C ASP B 180 -18.21 14.56 9.24
N LEU B 181 -18.84 14.57 8.06
CA LEU B 181 -19.64 15.73 7.67
C LEU B 181 -20.87 15.87 8.54
N GLU B 182 -21.61 14.77 8.72
CA GLU B 182 -22.84 14.79 9.50
C GLU B 182 -22.61 15.32 10.91
N ARG B 183 -21.39 15.25 11.42
CA ARG B 183 -21.06 15.86 12.70
C ARG B 183 -21.01 17.37 12.62
N GLY B 184 -21.08 17.94 11.43
CA GLY B 184 -21.12 19.38 11.30
C GLY B 184 -19.96 20.01 10.55
N CYS B 185 -20.26 20.65 9.43
CA CYS B 185 -19.25 21.27 8.59
C CYS B 185 -19.55 22.76 8.46
N HIS B 186 -18.60 23.59 8.87
CA HIS B 186 -18.67 25.03 8.68
C HIS B 186 -17.67 25.52 7.67
N LEU B 187 -16.44 25.01 7.75
CA LEU B 187 -15.41 25.21 6.74
C LEU B 187 -15.14 23.87 6.07
N LEU B 188 -15.12 23.86 4.74
CA LEU B 188 -14.94 22.63 3.99
C LEU B 188 -13.73 22.77 3.08
N VAL B 189 -12.75 21.91 3.25
CA VAL B 189 -11.64 21.85 2.32
C VAL B 189 -11.88 20.65 1.42
N ALA B 190 -11.58 20.80 0.14
CA ALA B 190 -11.96 19.73 -0.77
C ALA B 190 -11.16 19.73 -2.04
N THR B 191 -11.09 18.55 -2.62
CA THR B 191 -10.70 18.44 -4.02
C THR B 191 -11.94 18.37 -4.90
N PRO B 192 -11.87 18.79 -6.16
CA PRO B 192 -13.11 18.94 -6.94
C PRO B 192 -13.94 17.66 -7.12
N GLY B 193 -13.35 16.59 -7.62
CA GLY B 193 -14.15 15.42 -7.99
C GLY B 193 -14.96 14.86 -6.83
N ARG B 194 -14.32 14.68 -5.68
CA ARG B 194 -15.04 14.15 -4.53
C ARG B 194 -16.11 15.11 -4.04
N LEU B 195 -15.88 16.43 -4.14
CA LEU B 195 -16.91 17.37 -3.73
C LEU B 195 -18.13 17.27 -4.63
N VAL B 196 -17.92 17.19 -5.94
CA VAL B 196 -19.05 17.00 -6.83
C VAL B 196 -19.76 15.69 -6.51
N ASP B 197 -19.01 14.63 -6.21
CA ASP B 197 -19.66 13.36 -5.84
C ASP B 197 -20.51 13.52 -4.58
N MET B 198 -20.02 14.28 -3.60
CA MET B 198 -20.77 14.52 -2.37
C MET B 198 -22.03 15.31 -2.65
N MET B 199 -21.94 16.27 -3.56
CA MET B 199 -23.08 17.15 -3.86
C MET B 199 -24.17 16.36 -4.57
N GLU B 200 -23.81 15.64 -5.63
CA GLU B 200 -24.79 14.82 -6.34
C GLU B 200 -25.34 13.69 -5.50
N ARG B 201 -24.77 13.44 -4.33
CA ARG B 201 -25.33 12.55 -3.32
C ARG B 201 -26.12 13.31 -2.26
N GLY B 202 -26.24 14.61 -2.39
CA GLY B 202 -27.06 15.36 -1.47
C GLY B 202 -26.49 15.50 -0.08
N LYS B 203 -25.18 15.36 0.09
CA LYS B 203 -24.63 15.53 1.43
C LYS B 203 -24.07 16.91 1.66
N ILE B 204 -23.75 17.67 0.61
CA ILE B 204 -23.17 19.00 0.71
C ILE B 204 -23.98 19.98 -0.13
N GLY B 205 -24.21 21.17 0.41
CA GLY B 205 -24.84 22.23 -0.37
C GLY B 205 -24.12 23.55 -0.24
N LEU B 206 -23.85 24.22 -1.37
CA LEU B 206 -23.09 25.46 -1.32
C LEU B 206 -23.96 26.70 -1.13
N ASP B 207 -25.23 26.52 -0.76
CA ASP B 207 -26.20 27.62 -0.82
C ASP B 207 -25.86 28.77 0.11
N PHE B 208 -25.14 28.51 1.19
CA PHE B 208 -24.77 29.58 2.12
C PHE B 208 -23.28 29.81 2.10
N CYS B 209 -22.59 29.24 1.12
CA CYS B 209 -21.16 29.42 0.99
C CYS B 209 -20.85 30.85 0.61
N LYS B 210 -20.35 31.62 1.57
CA LYS B 210 -20.06 33.02 1.32
C LYS B 210 -18.58 33.30 1.18
N TYR B 211 -17.71 32.34 1.49
CA TYR B 211 -16.26 32.51 1.38
C TYR B 211 -15.68 31.40 0.52
N LEU B 212 -15.32 31.70 -0.72
CA LEU B 212 -14.67 30.76 -1.62
C LEU B 212 -13.18 31.05 -1.68
N VAL B 213 -12.34 30.02 -1.55
CA VAL B 213 -10.90 30.16 -1.70
C VAL B 213 -10.41 29.14 -2.71
N LEU B 214 -9.61 29.59 -3.65
CA LEU B 214 -8.91 28.72 -4.59
C LEU B 214 -7.43 28.76 -4.24
N ASP B 215 -6.97 27.71 -3.53
CA ASP B 215 -5.54 27.64 -3.30
C ASP B 215 -4.90 27.01 -4.52
N GLU B 216 -3.67 27.42 -4.80
CA GLU B 216 -2.98 27.05 -6.03
C GLU B 216 -3.85 27.40 -7.24
N ALA B 217 -4.20 28.69 -7.29
CA ALA B 217 -5.28 29.15 -8.15
C ALA B 217 -4.98 28.91 -9.63
N ASP B 218 -3.75 29.23 -10.08
CA ASP B 218 -3.46 28.99 -11.50
C ASP B 218 -3.55 27.52 -11.86
N ARG B 219 -3.30 26.62 -10.90
CA ARG B 219 -3.43 25.21 -11.21
C ARG B 219 -4.90 24.84 -11.32
N MET B 220 -5.73 25.40 -10.43
CA MET B 220 -7.16 25.17 -10.42
C MET B 220 -7.85 25.70 -11.68
N LEU B 221 -7.19 26.59 -12.41
CA LEU B 221 -7.78 27.22 -13.59
C LEU B 221 -7.15 26.74 -14.89
N ASP B 222 -6.49 25.57 -14.89
CA ASP B 222 -5.92 25.12 -16.15
C ASP B 222 -7.01 24.40 -16.93
N MET B 223 -6.64 23.89 -18.09
CA MET B 223 -7.61 23.26 -18.97
C MET B 223 -8.26 22.04 -18.31
N GLY B 224 -7.64 21.46 -17.30
CA GLY B 224 -8.15 20.21 -16.76
C GLY B 224 -9.07 20.44 -15.59
N PHE B 225 -8.84 21.52 -14.85
CA PHE B 225 -9.65 21.82 -13.68
C PHE B 225 -10.71 22.88 -13.91
N GLU B 226 -10.50 23.81 -14.84
CA GLU B 226 -11.51 24.83 -15.11
C GLU B 226 -12.91 24.24 -15.28
N PRO B 227 -13.14 23.20 -16.08
CA PRO B 227 -14.49 22.61 -16.12
C PRO B 227 -15.02 22.20 -14.75
N GLN B 228 -14.15 21.65 -13.88
CA GLN B 228 -14.61 21.21 -12.56
C GLN B 228 -14.85 22.39 -11.64
N ILE B 229 -14.02 23.42 -11.75
CA ILE B 229 -14.27 24.66 -11.01
C ILE B 229 -15.60 25.26 -11.41
N ARG B 230 -15.94 25.18 -12.69
CA ARG B 230 -17.19 25.73 -13.15
C ARG B 230 -18.36 24.89 -12.66
N ARG B 231 -18.25 23.57 -12.82
CA ARG B 231 -19.28 22.68 -12.31
C ARG B 231 -19.55 22.92 -10.82
N ILE B 232 -18.54 23.32 -10.07
CA ILE B 232 -18.77 23.58 -8.65
C ILE B 232 -19.29 24.99 -8.41
N VAL B 233 -18.77 25.99 -9.12
CA VAL B 233 -19.09 27.38 -8.78
C VAL B 233 -20.26 27.91 -9.61
N GLU B 234 -20.15 27.76 -10.93
CA GLU B 234 -21.16 28.35 -11.80
C GLU B 234 -22.40 27.46 -11.94
N GLN B 235 -22.21 26.19 -12.27
CA GLN B 235 -23.30 25.32 -12.67
C GLN B 235 -24.07 24.74 -11.49
N ASP B 236 -23.97 25.32 -10.31
CA ASP B 236 -24.65 24.76 -9.15
C ASP B 236 -25.14 25.92 -8.30
N THR B 237 -25.46 25.64 -7.04
CA THR B 237 -26.14 26.62 -6.21
C THR B 237 -25.18 27.50 -5.44
N MET B 238 -24.04 27.75 -5.98
CA MET B 238 -23.19 28.63 -5.21
C MET B 238 -23.58 30.08 -5.49
N PRO B 239 -23.66 30.89 -4.44
CA PRO B 239 -23.87 32.34 -4.63
C PRO B 239 -22.89 32.91 -5.64
N PRO B 240 -23.34 33.77 -6.54
CA PRO B 240 -22.47 34.30 -7.58
C PRO B 240 -21.62 35.47 -7.08
N LYS B 241 -20.75 35.93 -7.97
CA LYS B 241 -19.79 36.98 -7.62
C LYS B 241 -20.52 38.27 -7.21
N GLY B 242 -19.87 39.05 -6.38
CA GLY B 242 -20.52 40.19 -5.76
C GLY B 242 -21.28 39.80 -4.51
N VAL B 243 -21.84 38.59 -4.49
CA VAL B 243 -22.54 38.07 -3.33
C VAL B 243 -21.52 37.34 -2.47
N ARG B 244 -20.92 36.29 -3.02
CA ARG B 244 -19.84 35.59 -2.34
C ARG B 244 -18.56 36.41 -2.35
N HIS B 245 -17.59 35.95 -1.59
CA HIS B 245 -16.28 36.57 -1.54
C HIS B 245 -15.26 35.57 -2.06
N THR B 246 -14.62 35.90 -3.16
CA THR B 246 -13.73 34.99 -3.85
C THR B 246 -12.27 35.38 -3.63
N MET B 247 -11.47 34.47 -3.10
CA MET B 247 -10.04 34.66 -2.94
C MET B 247 -9.29 33.62 -3.77
N MET B 248 -8.18 34.03 -4.36
CA MET B 248 -7.35 33.12 -5.14
C MET B 248 -5.89 33.34 -4.75
N PHE B 249 -5.24 32.31 -4.21
CA PHE B 249 -3.83 32.44 -3.84
C PHE B 249 -2.95 31.52 -4.69
N SER B 250 -1.78 32.03 -5.06
CA SER B 250 -0.79 31.17 -5.71
C SER B 250 0.59 31.77 -5.53
N ALA B 251 1.61 31.00 -5.89
CA ALA B 251 2.93 31.53 -6.07
C ALA B 251 3.24 31.78 -7.54
N THR B 252 2.27 31.56 -8.42
CA THR B 252 2.48 31.81 -9.84
C THR B 252 1.15 32.17 -10.48
N PHE B 253 1.19 33.12 -11.41
CA PHE B 253 0.02 33.52 -12.17
C PHE B 253 0.42 33.99 -13.55
N PRO B 254 0.45 33.10 -14.53
CA PRO B 254 0.51 33.56 -15.92
C PRO B 254 -0.55 34.61 -16.20
N LYS B 255 -0.27 35.48 -17.19
CA LYS B 255 -1.22 36.52 -17.53
C LYS B 255 -2.54 35.94 -18.00
N GLU B 256 -2.48 35.00 -18.94
CA GLU B 256 -3.68 34.42 -19.52
C GLU B 256 -4.60 33.89 -18.43
N ILE B 257 -4.01 33.15 -17.49
CA ILE B 257 -4.78 32.62 -16.37
C ILE B 257 -5.24 33.74 -15.45
N GLN B 258 -4.44 34.79 -15.30
CA GLN B 258 -4.83 35.92 -14.47
C GLN B 258 -6.05 36.65 -15.03
N MET B 259 -6.23 36.64 -16.35
CA MET B 259 -7.41 37.25 -16.98
C MET B 259 -8.60 36.29 -16.99
N LEU B 260 -8.36 35.00 -17.26
CA LEU B 260 -9.43 34.00 -17.14
C LEU B 260 -10.00 33.95 -15.72
N ALA B 261 -9.18 34.26 -14.71
CA ALA B 261 -9.65 34.29 -13.34
C ALA B 261 -10.66 35.39 -13.07
N ARG B 262 -10.85 36.33 -14.00
CA ARG B 262 -11.77 37.43 -13.76
C ARG B 262 -13.22 36.98 -13.78
N ASP B 263 -13.55 35.91 -14.53
CA ASP B 263 -14.91 35.41 -14.61
C ASP B 263 -15.46 34.96 -13.27
N PHE B 264 -14.63 34.96 -12.22
CA PHE B 264 -14.98 34.49 -10.88
C PHE B 264 -14.78 35.54 -9.82
N LEU B 265 -14.40 36.76 -10.21
CA LEU B 265 -14.05 37.81 -9.28
C LEU B 265 -14.84 39.07 -9.63
N ASP B 266 -15.05 39.91 -8.62
CA ASP B 266 -15.87 41.11 -8.80
C ASP B 266 -15.20 42.24 -8.03
N GLU B 267 -14.65 43.20 -8.76
CA GLU B 267 -13.99 44.39 -8.21
C GLU B 267 -13.00 44.00 -7.12
N TYR B 268 -11.92 43.37 -7.59
CA TYR B 268 -10.94 42.70 -6.75
C TYR B 268 -9.63 43.47 -6.64
N ILE B 269 -8.96 43.22 -5.53
CA ILE B 269 -7.58 43.66 -5.34
C ILE B 269 -6.66 42.64 -6.00
N PHE B 270 -5.51 43.11 -6.48
CA PHE B 270 -4.46 42.27 -7.04
C PHE B 270 -3.18 42.53 -6.22
N LEU B 271 -2.86 41.57 -5.33
CA LEU B 271 -1.65 41.60 -4.51
C LEU B 271 -0.49 40.88 -5.19
N ALA B 272 0.68 41.49 -5.10
CA ALA B 272 1.92 40.87 -5.61
C ALA B 272 3.05 41.19 -4.63
N VAL B 273 3.36 40.23 -3.75
CA VAL B 273 4.42 40.43 -2.76
C VAL B 273 5.79 40.47 -3.44
N GLY B 274 5.94 39.83 -4.58
CA GLY B 274 7.15 40.06 -5.36
C GLY B 274 6.80 40.03 -6.81
N ARG B 275 7.79 39.90 -7.68
CA ARG B 275 7.49 39.57 -9.07
C ARG B 275 6.67 38.29 -9.10
N VAL B 276 5.64 38.26 -9.95
CA VAL B 276 4.83 37.05 -10.05
C VAL B 276 5.69 35.92 -10.59
N GLY B 277 5.81 34.85 -9.83
CA GLY B 277 6.62 33.71 -10.23
C GLY B 277 8.03 33.67 -9.68
N SER B 278 8.29 34.32 -8.56
CA SER B 278 9.62 34.44 -7.99
C SER B 278 9.83 33.40 -6.90
N THR B 279 11.11 33.16 -6.57
CA THR B 279 11.52 32.16 -5.60
C THR B 279 12.08 32.88 -4.38
N SER B 280 12.17 32.15 -3.27
CA SER B 280 12.88 32.70 -2.11
C SER B 280 14.37 32.72 -2.37
N GLU B 281 15.04 33.72 -1.80
CA GLU B 281 16.49 33.81 -1.92
C GLU B 281 17.16 32.69 -1.16
N ASN B 282 16.45 32.09 -0.19
CA ASN B 282 16.96 31.09 0.72
C ASN B 282 17.20 29.73 0.05
N ILE B 283 16.90 29.61 -1.24
CA ILE B 283 17.04 28.34 -1.96
C ILE B 283 18.24 28.42 -2.88
N THR B 284 19.25 27.61 -2.60
CA THR B 284 20.41 27.50 -3.48
C THR B 284 20.05 26.61 -4.65
N GLN B 285 20.12 27.15 -5.86
CA GLN B 285 19.69 26.43 -7.04
C GLN B 285 20.91 26.02 -7.84
N LYS B 286 21.09 24.72 -8.03
CA LYS B 286 22.20 24.20 -8.80
C LYS B 286 21.66 23.43 -9.99
N VAL B 287 22.16 23.75 -11.18
CA VAL B 287 21.76 23.06 -12.41
C VAL B 287 22.99 22.41 -13.01
N VAL B 288 22.87 21.13 -13.33
CA VAL B 288 23.99 20.33 -13.78
C VAL B 288 23.55 19.57 -15.02
N TRP B 289 24.44 19.47 -15.98
CA TRP B 289 24.14 18.66 -17.16
C TRP B 289 24.28 17.18 -16.82
N VAL B 290 23.27 16.38 -17.20
CA VAL B 290 23.30 14.93 -16.99
C VAL B 290 22.63 14.25 -18.18
N GLU B 291 23.38 13.42 -18.90
CA GLU B 291 22.75 12.55 -19.89
C GLU B 291 21.82 11.57 -19.18
N GLU B 292 20.85 11.03 -19.93
CA GLU B 292 19.86 10.15 -19.32
C GLU B 292 20.51 8.95 -18.64
N SER B 293 21.30 8.19 -19.39
CA SER B 293 21.91 6.96 -18.88
C SER B 293 22.71 7.15 -17.59
N ASP B 294 22.97 8.40 -17.20
CA ASP B 294 23.78 8.68 -16.03
C ASP B 294 22.99 9.18 -14.83
N LYS B 295 21.75 9.63 -15.04
CA LYS B 295 20.96 10.25 -13.98
C LYS B 295 20.96 9.40 -12.71
N ARG B 296 20.62 8.11 -12.84
CA ARG B 296 20.62 7.22 -11.68
C ARG B 296 21.95 7.30 -10.94
N SER B 297 23.05 7.03 -11.66
CA SER B 297 24.37 7.08 -11.03
C SER B 297 24.57 8.41 -10.33
N PHE B 298 24.27 9.50 -11.03
CA PHE B 298 24.48 10.82 -10.45
C PHE B 298 23.61 11.00 -9.21
N LEU B 299 22.34 10.60 -9.29
CA LEU B 299 21.48 10.67 -8.11
C LEU B 299 22.11 9.96 -6.92
N LEU B 300 22.65 8.75 -7.17
CA LEU B 300 23.24 7.98 -6.08
C LEU B 300 24.27 8.80 -5.32
N ASP B 301 25.18 9.46 -6.05
CA ASP B 301 26.21 10.25 -5.37
C ASP B 301 25.57 11.33 -4.51
N LEU B 302 24.61 12.04 -5.10
CA LEU B 302 23.91 13.09 -4.37
C LEU B 302 23.34 12.56 -3.07
N LEU B 303 22.69 11.38 -3.13
CA LEU B 303 22.03 10.88 -1.94
C LEU B 303 23.04 10.56 -0.86
N ASN B 304 24.21 10.07 -1.26
CA ASN B 304 25.20 9.69 -0.29
C ASN B 304 25.82 10.91 0.35
N ALA B 305 25.76 12.06 -0.31
CA ALA B 305 26.39 13.25 0.26
C ALA B 305 25.48 13.87 1.32
N THR B 306 24.39 14.50 0.89
CA THR B 306 23.49 15.16 1.84
C THR B 306 22.73 14.02 2.51
N GLY B 307 23.34 13.45 3.54
CA GLY B 307 22.71 12.33 4.20
C GLY B 307 22.71 12.42 5.72
N LYS B 308 22.84 13.64 6.24
CA LYS B 308 23.06 13.81 7.68
C LYS B 308 21.77 13.53 8.45
N ASP B 309 20.82 14.47 8.45
CA ASP B 309 19.52 14.23 9.06
C ASP B 309 18.41 14.94 8.29
N SER B 310 18.60 15.10 6.98
CA SER B 310 17.72 15.87 6.13
C SER B 310 16.79 14.96 5.35
N LEU B 311 15.67 15.54 4.92
CA LEU B 311 14.73 14.88 4.04
C LEU B 311 15.03 15.30 2.61
N THR B 312 14.90 14.36 1.69
CA THR B 312 15.20 14.62 0.28
C THR B 312 14.01 14.23 -0.59
N LEU B 313 13.65 15.12 -1.52
CA LEU B 313 12.50 14.95 -2.37
C LEU B 313 12.98 14.92 -3.81
N VAL B 314 12.60 13.89 -4.54
CA VAL B 314 13.11 13.60 -5.88
C VAL B 314 11.92 13.59 -6.84
N PHE B 315 11.89 14.54 -7.77
CA PHE B 315 10.79 14.67 -8.72
C PHE B 315 11.11 13.98 -10.05
N VAL B 316 10.14 13.27 -10.62
CA VAL B 316 10.30 12.58 -11.89
C VAL B 316 9.14 12.99 -12.79
N GLU B 317 9.17 12.54 -14.05
CA GLU B 317 8.23 13.07 -15.02
C GLU B 317 7.03 12.16 -15.27
N THR B 318 7.08 10.90 -14.90
CA THR B 318 5.95 10.00 -15.11
C THR B 318 5.74 9.17 -13.86
N LYS B 319 4.55 8.58 -13.77
CA LYS B 319 4.27 7.67 -12.66
C LYS B 319 5.07 6.38 -12.82
N LYS B 320 5.16 5.87 -14.05
CA LYS B 320 5.97 4.67 -14.26
C LYS B 320 7.41 4.93 -13.81
N GLY B 321 7.95 6.10 -14.16
CA GLY B 321 9.30 6.42 -13.77
C GLY B 321 9.47 6.51 -12.28
N ALA B 322 8.47 7.08 -11.59
CA ALA B 322 8.55 7.16 -10.13
C ALA B 322 8.58 5.78 -9.53
N ASP B 323 7.77 4.88 -10.06
CA ASP B 323 7.73 3.53 -9.52
C ASP B 323 9.10 2.87 -9.72
N SER B 324 9.69 3.11 -10.90
CA SER B 324 10.98 2.50 -11.26
C SER B 324 12.13 3.01 -10.40
N LEU B 325 12.27 4.33 -10.26
CA LEU B 325 13.30 4.85 -9.38
C LEU B 325 13.13 4.36 -7.97
N GLU B 326 11.90 4.32 -7.47
CA GLU B 326 11.75 3.91 -6.08
C GLU B 326 12.19 2.47 -5.92
N ASP B 327 11.92 1.63 -6.93
CA ASP B 327 12.38 0.25 -6.90
C ASP B 327 13.91 0.19 -6.90
N PHE B 328 14.51 0.96 -7.82
CA PHE B 328 15.96 1.04 -7.94
C PHE B 328 16.58 1.41 -6.61
N LEU B 329 16.06 2.46 -5.96
CA LEU B 329 16.63 2.89 -4.70
C LEU B 329 16.39 1.89 -3.59
N TYR B 330 15.26 1.18 -3.62
CA TYR B 330 14.99 0.15 -2.62
C TYR B 330 16.02 -0.97 -2.70
N HIS B 331 16.22 -1.50 -3.92
CA HIS B 331 17.18 -2.60 -4.06
C HIS B 331 18.62 -2.15 -3.85
N GLU B 332 18.89 -0.85 -3.90
CA GLU B 332 20.21 -0.33 -3.64
C GLU B 332 20.44 -0.05 -2.16
N GLY B 333 19.43 -0.28 -1.33
CA GLY B 333 19.57 -0.20 0.11
C GLY B 333 19.12 1.09 0.76
N TYR B 334 18.48 1.98 0.02
CA TYR B 334 18.10 3.27 0.58
C TYR B 334 16.71 3.16 1.20
N ALA B 335 16.47 3.99 2.22
CA ALA B 335 15.20 4.03 2.92
C ALA B 335 14.29 5.04 2.23
N CYS B 336 13.46 4.56 1.30
CA CYS B 336 12.72 5.46 0.43
C CYS B 336 11.30 4.95 0.21
N THR B 337 10.41 5.88 -0.17
CA THR B 337 9.10 5.53 -0.69
C THR B 337 8.80 6.39 -1.91
N SER B 338 7.64 6.14 -2.48
CA SER B 338 7.16 6.88 -3.63
C SER B 338 5.77 7.40 -3.31
N ILE B 339 5.41 8.47 -4.00
CA ILE B 339 4.05 9.02 -3.95
C ILE B 339 3.71 9.49 -5.36
N HIS B 340 2.69 8.89 -5.94
CA HIS B 340 2.25 9.23 -7.29
C HIS B 340 0.82 8.72 -7.45
N GLY B 341 0.26 8.93 -8.65
CA GLY B 341 -1.17 8.71 -8.84
C GLY B 341 -1.57 7.24 -8.90
N ASP B 342 -0.67 6.37 -9.33
CA ASP B 342 -1.00 4.95 -9.47
C ASP B 342 -0.95 4.20 -8.15
N ARG B 343 -0.73 4.87 -7.04
CA ARG B 343 -0.73 4.23 -5.75
C ARG B 343 -2.07 4.43 -5.06
N SER B 344 -2.46 3.43 -4.26
CA SER B 344 -3.69 3.59 -3.51
C SER B 344 -3.55 4.78 -2.57
N GLN B 345 -4.67 5.43 -2.29
CA GLN B 345 -4.61 6.60 -1.42
C GLN B 345 -4.11 6.23 -0.04
N ARG B 346 -4.38 5.00 0.41
CA ARG B 346 -3.76 4.53 1.65
C ARG B 346 -2.24 4.57 1.55
N ASP B 347 -1.67 3.87 0.56
CA ASP B 347 -0.22 3.85 0.42
C ASP B 347 0.33 5.25 0.19
N ARG B 348 -0.43 6.07 -0.50
CA ARG B 348 -0.01 7.42 -0.80
C ARG B 348 0.17 8.27 0.47
N GLU B 349 -0.85 8.26 1.33
CA GLU B 349 -0.74 8.98 2.59
C GLU B 349 0.32 8.36 3.50
N GLU B 350 0.44 7.02 3.46
CA GLU B 350 1.45 6.37 4.29
C GLU B 350 2.86 6.79 3.87
N ALA B 351 3.08 6.89 2.55
CA ALA B 351 4.34 7.42 2.06
C ALA B 351 4.60 8.80 2.59
N LEU B 352 3.60 9.69 2.48
CA LEU B 352 3.82 11.04 2.96
C LEU B 352 4.11 11.08 4.46
N HIS B 353 3.45 10.22 5.24
CA HIS B 353 3.65 10.22 6.69
C HIS B 353 5.04 9.72 7.05
N GLN B 354 5.46 8.60 6.45
CA GLN B 354 6.81 8.11 6.73
C GLN B 354 7.87 9.10 6.30
N PHE B 355 7.68 9.72 5.13
CA PHE B 355 8.63 10.73 4.68
C PHE B 355 8.70 11.89 5.66
N ARG B 356 7.54 12.27 6.21
CA ARG B 356 7.49 13.41 7.12
C ARG B 356 8.17 13.08 8.45
N SER B 357 8.05 11.84 8.92
CA SER B 357 8.56 11.44 10.22
C SER B 357 10.00 10.95 10.17
N GLY B 358 10.61 10.90 8.99
CA GLY B 358 11.98 10.46 8.87
C GLY B 358 12.19 8.98 8.65
N LYS B 359 11.14 8.15 8.79
CA LYS B 359 11.32 6.72 8.55
C LYS B 359 11.78 6.44 7.12
N SER B 360 11.35 7.23 6.14
CA SER B 360 11.80 7.08 4.75
C SER B 360 12.23 8.45 4.24
N PRO B 361 13.46 8.86 4.51
CA PRO B 361 13.90 10.23 4.21
C PRO B 361 14.05 10.54 2.73
N ILE B 362 13.78 9.60 1.84
CA ILE B 362 13.82 9.85 0.41
C ILE B 362 12.42 9.60 -0.15
N LEU B 363 11.87 10.62 -0.81
CA LEU B 363 10.55 10.54 -1.40
C LEU B 363 10.66 10.75 -2.89
N VAL B 364 10.40 9.71 -3.66
CA VAL B 364 10.25 9.85 -5.10
C VAL B 364 8.81 10.27 -5.38
N ALA B 365 8.63 11.25 -6.26
CA ALA B 365 7.34 11.88 -6.43
C ALA B 365 7.14 12.34 -7.86
N THR B 366 5.89 12.27 -8.33
CA THR B 366 5.48 13.02 -9.50
C THR B 366 5.10 14.42 -9.06
N ALA B 367 4.56 15.22 -9.99
CA ALA B 367 4.19 16.55 -9.48
C ALA B 367 2.96 16.52 -8.49
N VAL B 368 2.40 15.38 -8.05
CA VAL B 368 1.46 15.42 -6.92
C VAL B 368 2.03 16.27 -5.80
N ALA B 369 3.34 16.19 -5.60
CA ALA B 369 4.02 16.84 -4.49
C ALA B 369 4.66 18.15 -4.90
N ALA B 370 4.38 18.64 -6.10
CA ALA B 370 5.01 19.86 -6.56
C ALA B 370 4.47 21.08 -5.82
N ARG B 371 3.20 21.08 -5.43
CA ARG B 371 2.54 22.30 -4.96
C ARG B 371 2.06 22.12 -3.53
N GLY B 372 2.24 23.15 -2.73
CA GLY B 372 1.51 23.28 -1.50
C GLY B 372 2.01 22.59 -0.24
N LEU B 373 2.58 21.40 -0.37
CA LEU B 373 3.01 20.65 0.80
C LEU B 373 4.16 21.39 1.48
N ASP B 374 4.03 21.68 2.77
CA ASP B 374 5.20 22.11 3.51
C ASP B 374 5.59 21.01 4.48
N ILE B 375 6.85 20.60 4.39
CA ILE B 375 7.36 19.54 5.22
C ILE B 375 8.59 20.05 5.91
N SER B 376 8.59 20.00 7.23
CA SER B 376 9.75 20.45 7.97
C SER B 376 10.95 19.56 7.64
N ASN B 377 12.12 20.18 7.56
CA ASN B 377 13.41 19.50 7.39
C ASN B 377 13.60 18.91 6.00
N VAL B 378 12.82 19.32 5.02
CA VAL B 378 13.18 18.95 3.66
C VAL B 378 14.25 19.94 3.21
N LYS B 379 15.48 19.44 3.02
CA LYS B 379 16.62 20.31 2.82
C LYS B 379 17.23 20.19 1.44
N HIS B 380 16.89 19.15 0.69
CA HIS B 380 17.40 19.01 -0.65
C HIS B 380 16.25 18.58 -1.55
N VAL B 381 16.10 19.25 -2.69
CA VAL B 381 15.10 18.91 -3.69
C VAL B 381 15.84 18.62 -4.99
N ILE B 382 15.56 17.47 -5.58
CA ILE B 382 16.31 17.00 -6.73
C ILE B 382 15.36 16.78 -7.88
N ASN B 383 15.55 17.54 -8.95
CA ASN B 383 14.78 17.37 -10.18
C ASN B 383 15.46 16.34 -11.05
N PHE B 384 15.25 15.07 -10.72
CA PHE B 384 15.71 13.98 -11.57
C PHE B 384 15.30 14.22 -13.03
N ASP B 385 14.04 14.61 -13.24
CA ASP B 385 13.53 15.06 -14.53
C ASP B 385 13.08 16.50 -14.35
N LEU B 386 13.42 17.34 -15.31
CA LEU B 386 12.95 18.70 -15.17
C LEU B 386 11.53 18.82 -15.69
N PRO B 387 10.77 19.78 -15.18
CA PRO B 387 9.43 20.01 -15.74
C PRO B 387 9.55 20.57 -17.14
N SER B 388 8.43 20.79 -17.81
CA SER B 388 8.45 21.39 -19.12
C SER B 388 8.24 22.91 -19.09
N ASP B 389 7.86 23.47 -17.93
CA ASP B 389 7.66 24.90 -17.80
C ASP B 389 8.19 25.37 -16.45
N ILE B 390 8.52 26.67 -16.39
CA ILE B 390 9.23 27.19 -15.23
C ILE B 390 8.33 27.29 -13.99
N GLU B 391 7.01 27.31 -14.17
CA GLU B 391 6.16 27.42 -12.99
C GLU B 391 6.17 26.14 -12.17
N GLU B 392 6.07 24.99 -12.84
CA GLU B 392 6.21 23.73 -12.14
C GLU B 392 7.54 23.69 -11.41
N TYR B 393 8.61 24.20 -12.06
CA TYR B 393 9.93 24.22 -11.44
C TYR B 393 9.93 25.06 -10.17
N VAL B 394 9.39 26.28 -10.25
CA VAL B 394 9.37 27.15 -9.08
C VAL B 394 8.63 26.50 -7.93
N HIS B 395 7.50 25.84 -8.23
CA HIS B 395 6.71 25.21 -7.18
C HIS B 395 7.44 24.02 -6.59
N ARG B 396 8.08 23.22 -7.45
CA ARG B 396 8.87 22.08 -7.01
C ARG B 396 9.95 22.52 -6.02
N ILE B 397 10.83 23.44 -6.46
CA ILE B 397 11.94 23.81 -5.58
C ILE B 397 11.43 24.54 -4.36
N GLY B 398 10.18 25.03 -4.40
CA GLY B 398 9.64 25.66 -3.22
C GLY B 398 9.37 24.72 -2.06
N ARG B 399 9.46 23.40 -2.27
CA ARG B 399 9.19 22.51 -1.15
C ARG B 399 10.27 22.59 -0.09
N THR B 400 11.46 23.06 -0.45
CA THR B 400 12.48 23.38 0.52
C THR B 400 12.65 24.88 0.59
N GLY B 401 13.40 25.32 1.60
CA GLY B 401 13.65 26.71 1.78
C GLY B 401 12.37 27.46 2.03
N ARG B 402 11.67 27.09 3.10
CA ARG B 402 10.37 27.69 3.29
C ARG B 402 10.48 28.89 4.21
N VAL B 403 10.03 28.75 5.44
CA VAL B 403 9.69 29.90 6.27
C VAL B 403 10.94 30.69 6.66
N GLY B 404 11.82 30.93 5.69
CA GLY B 404 13.09 31.57 5.94
C GLY B 404 14.26 30.60 6.07
N ASN B 405 13.98 29.34 6.38
CA ASN B 405 14.99 28.30 6.43
C ASN B 405 15.68 28.19 5.07
N LEU B 406 16.86 27.57 5.06
CA LEU B 406 17.60 27.43 3.80
C LEU B 406 17.43 26.04 3.22
N GLY B 407 17.68 25.93 1.92
CA GLY B 407 17.54 24.67 1.23
C GLY B 407 18.30 24.64 -0.07
N LEU B 408 18.52 23.43 -0.55
CA LEU B 408 19.28 23.18 -1.76
C LEU B 408 18.37 22.58 -2.82
N ALA B 409 18.60 22.95 -4.06
CA ALA B 409 17.81 22.45 -5.19
C ALA B 409 18.77 22.14 -6.32
N THR B 410 18.93 20.85 -6.61
CA THR B 410 19.80 20.38 -7.68
C THR B 410 18.92 19.84 -8.79
N SER B 411 19.29 20.10 -10.04
CA SER B 411 18.41 19.78 -11.15
C SER B 411 19.19 19.14 -12.27
N PHE B 412 18.67 18.07 -12.85
CA PHE B 412 19.35 17.42 -13.96
C PHE B 412 18.84 17.99 -15.29
N PHE B 413 19.76 18.27 -16.18
CA PHE B 413 19.48 19.00 -17.42
C PHE B 413 20.10 18.25 -18.58
N ASN B 414 19.43 18.23 -19.73
CA ASN B 414 20.05 17.70 -20.94
C ASN B 414 19.24 18.18 -22.14
N GLU B 415 19.47 17.55 -23.29
CA GLU B 415 18.79 17.89 -24.54
C GLU B 415 17.29 18.13 -24.34
N ARG B 416 16.64 17.16 -23.71
CA ARG B 416 15.19 17.19 -23.57
C ARG B 416 14.69 18.43 -22.82
N ASN B 417 15.56 19.14 -22.12
CA ASN B 417 15.12 20.30 -21.36
C ASN B 417 15.37 21.61 -22.07
N ILE B 418 15.73 21.57 -23.37
CA ILE B 418 16.10 22.78 -24.09
C ILE B 418 15.04 23.87 -23.95
N ASN B 419 13.77 23.48 -24.05
CA ASN B 419 12.66 24.43 -24.07
C ASN B 419 12.66 25.36 -22.85
N ILE B 420 13.11 24.88 -21.70
CA ILE B 420 12.99 25.69 -20.49
C ILE B 420 14.12 26.69 -20.34
N THR B 421 15.23 26.47 -21.07
CA THR B 421 16.49 27.20 -20.88
C THR B 421 16.30 28.65 -20.44
N LYS B 422 15.85 29.48 -21.39
CA LYS B 422 15.67 30.91 -21.18
C LYS B 422 15.09 31.22 -19.80
N ASP B 423 13.87 30.71 -19.55
CA ASP B 423 13.17 31.05 -18.32
C ASP B 423 14.00 30.66 -17.10
N LEU B 424 14.50 29.42 -17.11
CA LEU B 424 15.35 28.97 -16.03
C LEU B 424 16.51 29.95 -15.83
N LEU B 425 17.21 30.27 -16.92
CA LEU B 425 18.30 31.22 -16.86
C LEU B 425 17.85 32.50 -16.18
N ASP B 426 16.76 33.08 -16.68
CA ASP B 426 16.29 34.34 -16.15
C ASP B 426 15.99 34.20 -14.66
N LEU B 427 15.33 33.10 -14.28
CA LEU B 427 15.00 32.90 -12.87
C LEU B 427 16.26 32.75 -12.04
N LEU B 428 17.29 32.12 -12.60
CA LEU B 428 18.55 32.01 -11.87
C LEU B 428 19.16 33.38 -11.64
N VAL B 429 19.06 34.28 -12.63
CA VAL B 429 19.70 35.57 -12.50
C VAL B 429 19.00 36.39 -11.43
N GLU B 430 17.67 36.56 -11.53
CA GLU B 430 16.98 37.36 -10.53
C GLU B 430 17.04 36.72 -9.15
N ALA B 431 17.34 35.43 -9.07
CA ALA B 431 17.49 34.80 -7.77
C ALA B 431 18.89 34.97 -7.20
N LYS B 432 19.81 35.57 -7.97
CA LYS B 432 21.18 35.81 -7.51
C LYS B 432 21.88 34.48 -7.20
N GLN B 433 21.80 33.56 -8.17
CA GLN B 433 22.28 32.20 -8.05
C GLN B 433 23.40 31.97 -9.05
N GLU B 434 24.23 30.97 -8.76
CA GLU B 434 25.24 30.56 -9.71
C GLU B 434 24.57 30.22 -11.04
N VAL B 435 25.19 30.64 -12.14
CA VAL B 435 24.61 30.39 -13.45
C VAL B 435 25.58 29.58 -14.30
N PRO B 436 25.25 28.34 -14.65
CA PRO B 436 26.09 27.58 -15.57
C PRO B 436 26.36 28.33 -16.87
N SER B 437 27.60 28.26 -17.32
CA SER B 437 28.01 28.97 -18.51
C SER B 437 27.46 28.32 -19.77
N TRP B 438 27.48 26.99 -19.80
CA TRP B 438 26.87 26.25 -20.90
C TRP B 438 25.38 26.52 -21.01
N LEU B 439 24.76 27.01 -19.93
CA LEU B 439 23.36 27.39 -19.98
C LEU B 439 23.17 28.66 -20.81
N GLU B 440 23.96 29.71 -20.52
CA GLU B 440 23.96 30.89 -21.38
C GLU B 440 24.22 30.52 -22.83
N ASN B 441 25.31 29.77 -23.08
CA ASN B 441 25.62 29.38 -24.46
C ASN B 441 24.54 28.49 -25.07
N MET B 442 23.73 27.85 -24.24
CA MET B 442 22.59 27.06 -24.69
C MET B 442 21.32 27.89 -24.83
N ALA B 443 21.22 28.99 -24.08
CA ALA B 443 20.00 29.78 -23.98
C ALA B 443 19.90 30.91 -24.99
N TYR B 444 20.71 30.90 -26.05
CA TYR B 444 20.64 31.93 -27.10
C TYR B 444 20.96 33.34 -26.59
MG MG E . 0.74 -26.62 2.31
PA 08T F . 2.88 -27.02 6.11
PB 08T F . 0.43 -28.00 5.20
BE 08T F . -1.82 -26.40 4.19
C5' 08T F . 4.64 -26.58 7.81
O5' 08T F . 3.27 -26.88 7.64
C4' 08T F . 4.87 -25.83 9.10
O4' 08T F . 4.96 -26.79 10.15
C3' 08T F . 6.23 -25.21 8.93
O3' 08T F . 6.36 -24.06 9.76
C2' 08T F . 7.15 -26.31 9.40
O2' 08T F . 8.38 -25.78 9.88
C1' 08T F . 6.34 -27.03 10.47
N1 08T F . 7.75 -31.33 13.24
O1A 08T F . 3.30 -25.71 5.46
O1B 08T F . 0.36 -29.38 5.79
F1 08T F . -0.74 -25.81 3.31
C2 08T F . 7.64 -30.04 13.63
O2A 08T F . 3.56 -28.27 5.63
O2B 08T F . 1.08 -27.76 3.86
F2 08T F . -2.48 -25.41 5.12
N3 08T F . 7.27 -29.03 12.82
O3A 08T F . 1.29 -27.18 6.26
O3B 08T F . -1.10 -27.45 5.20
F3 08T F . -2.80 -27.26 3.41
C4 08T F . 6.98 -29.25 11.51
C5 08T F . 7.08 -30.63 11.01
C6 08T F . 7.50 -31.69 11.97
N6 08T F . 7.61 -32.98 11.58
N7 08T F . 6.74 -30.58 9.71
C8 08T F . 6.45 -29.29 9.39
N9 08T F . 6.59 -28.50 10.47
MG MG G . 0.28 27.02 -0.17
PA 08T H . 2.25 28.02 3.80
PB 08T H . 2.52 28.93 1.18
BE 08T H . 3.23 27.52 -1.31
C5' 08T H . 4.46 27.67 5.17
O5' 08T H . 3.20 28.34 5.04
C4' 08T H . 4.84 27.57 6.64
O4' 08T H . 5.03 28.87 7.20
C3' 08T H . 3.75 26.90 7.46
O3' 08T H . 4.32 25.79 8.15
C2' 08T H . 3.34 27.90 8.51
O2' 08T H . 3.28 27.20 9.76
C1' 08T H . 4.45 28.93 8.51
N1 08T H . 4.72 33.24 11.51
O1A 08T H . 1.08 28.98 3.87
O1B 08T H . 1.19 28.25 1.03
F1 08T H . 2.01 26.70 -1.01
C2 08T H . 5.38 32.06 11.61
O2A 08T H . 1.97 26.54 3.84
O2B 08T H . 2.62 30.44 1.30
F2 08T H . 4.49 26.66 -1.36
N3 08T H . 5.19 31.04 10.77
O3A 08T H . 3.18 28.36 2.54
O3B 08T H . 3.50 28.54 -0.06
F3 08T H . 3.04 28.43 -2.50
C4 08T H . 4.33 31.12 9.72
C5 08T H . 3.59 32.37 9.53
C6 08T H . 3.83 33.45 10.51
N6 08T H . 3.19 34.64 10.41
N7 08T H . 2.82 32.20 8.44
C8 08T H . 3.05 30.95 7.97
N9 08T H . 3.96 30.30 8.74
#